data_3DIP
#
_entry.id   3DIP
#
_cell.length_a   282.292
_cell.length_b   282.292
_cell.length_c   282.292
_cell.angle_alpha   90.000
_cell.angle_beta   90.000
_cell.angle_gamma   90.000
#
_symmetry.space_group_name_H-M   'F 4 3 2'
#
loop_
_entity.id
_entity.type
_entity.pdbx_description
1 polymer enolase
2 non-polymer 'SULFATE ION'
3 water water
#
_entity_poly.entity_id   1
_entity_poly.type   'polypeptide(L)'
_entity_poly.pdbx_seq_one_letter_code
;MSLPRITALRTIRLPERPKLIWVEVETEDGLTGLGETFRGAQAVEAVLHEQTAPAIIGRAAENITSISSELLNPYVGFGS
SSAEVRAASAVDIALWDLAGQRAGVPLHVALGGAARDRVPVYATCAGYDFNTSLGGRRSIGSAELSTGPYDDQVAFMRDA
GVLAESLVAEGYAAMKIWPFDDFASITPHHISLTDLKDGLEPFRKIRAAVGQRIEIMCELHSLWGTHAAARICNALADYG
VLWVEDPIAKMDNIPAVADLRRQTRAPICGGENLAGTRRFHEMLCADAIDFVMLDLTWCGGLSEGRKIAALAETHARPLA
PH(SIC)TGPVALMAGLHLALHAPTAIFQEVVRASLATWYADLVDHLPVIQEGIALAPTRPGLGTALLPHVRKIAGAVVR
ESGKPREGHHHHHH
;
_entity_poly.pdbx_strand_id   A,B
#
loop_
_chem_comp.id
_chem_comp.type
_chem_comp.name
_chem_comp.formula
SO4 non-polymer 'SULFATE ION' 'O4 S -2'
#
# COMPACT_ATOMS: atom_id res chain seq x y z
N LEU A 3 -27.56 -16.06 -8.74
CA LEU A 3 -28.21 -16.25 -7.41
C LEU A 3 -27.26 -16.26 -6.19
N PRO A 4 -26.33 -17.26 -6.05
CA PRO A 4 -25.79 -17.47 -4.68
C PRO A 4 -25.05 -16.25 -4.12
N ARG A 5 -25.53 -15.75 -2.98
CA ARG A 5 -24.97 -14.53 -2.37
C ARG A 5 -23.99 -14.87 -1.25
N ILE A 6 -23.03 -13.97 -1.02
CA ILE A 6 -22.12 -14.06 0.12
C ILE A 6 -22.90 -13.76 1.40
N THR A 7 -22.81 -14.66 2.38
CA THR A 7 -23.56 -14.58 3.62
C THR A 7 -22.72 -14.29 4.87
N ALA A 8 -21.46 -14.71 4.87
CA ALA A 8 -20.58 -14.52 6.04
C ALA A 8 -19.13 -14.48 5.63
N LEU A 9 -18.30 -13.96 6.54
CA LEU A 9 -16.87 -13.87 6.34
C LEU A 9 -16.18 -14.20 7.66
N ARG A 10 -15.28 -15.17 7.62
CA ARG A 10 -14.59 -15.64 8.84
C ARG A 10 -13.08 -15.54 8.67
N THR A 11 -12.40 -15.12 9.72
CA THR A 11 -10.95 -15.15 9.75
C THR A 11 -10.47 -16.03 10.89
N ILE A 12 -9.37 -16.74 10.63
CA ILE A 12 -8.74 -17.58 11.65
C ILE A 12 -7.27 -17.21 11.77
N ARG A 13 -6.79 -17.03 13.00
CA ARG A 13 -5.39 -16.79 13.28
C ARG A 13 -4.93 -17.79 14.34
N LEU A 14 -3.72 -18.33 14.18
CA LEU A 14 -3.21 -19.31 15.12
C LEU A 14 -1.96 -18.77 15.78
N PRO A 15 -1.87 -18.89 17.13
CA PRO A 15 -0.75 -18.24 17.80
C PRO A 15 0.63 -18.77 17.37
N GLU A 16 0.67 -19.98 16.81
CA GLU A 16 1.93 -20.61 16.38
C GLU A 16 2.43 -20.14 15.03
N ARG A 17 1.51 -19.65 14.21
CA ARG A 17 1.84 -19.05 12.92
C ARG A 17 1.32 -17.62 12.96
N PRO A 18 2.06 -16.71 13.64
CA PRO A 18 1.53 -15.35 13.89
C PRO A 18 1.44 -14.47 12.65
N LYS A 19 2.16 -14.82 11.59
CA LYS A 19 2.12 -13.99 10.40
C LYS A 19 0.97 -14.35 9.47
N LEU A 20 0.41 -15.55 9.66
CA LEU A 20 -0.64 -16.05 8.79
C LEU A 20 -2.06 -15.66 9.22
N ILE A 21 -2.96 -15.60 8.25
CA ILE A 21 -4.40 -15.46 8.49
C ILE A 21 -5.18 -16.22 7.40
N TRP A 22 -6.18 -16.99 7.82
CA TRP A 22 -7.03 -17.69 6.85
C TRP A 22 -8.36 -17.00 6.79
N VAL A 23 -8.92 -16.91 5.59
CA VAL A 23 -10.21 -16.31 5.43
C VAL A 23 -11.19 -17.30 4.75
N GLU A 24 -12.38 -17.40 5.34
CA GLU A 24 -13.40 -18.29 4.83
C GLU A 24 -14.61 -17.47 4.43
N VAL A 25 -15.11 -17.74 3.25
CA VAL A 25 -16.26 -17.01 2.72
C VAL A 25 -17.39 -17.97 2.45
N GLU A 26 -18.51 -17.70 3.11
CA GLU A 26 -19.69 -18.52 3.04
C GLU A 26 -20.69 -17.96 2.07
N THR A 27 -21.31 -18.85 1.31
CA THR A 27 -22.41 -18.49 0.42
C THR A 27 -23.73 -19.24 0.78
N GLU A 28 -24.86 -18.65 0.36
CA GLU A 28 -26.22 -19.18 0.57
C GLU A 28 -26.42 -20.64 0.20
N ASP A 29 -25.55 -21.15 -0.67
CA ASP A 29 -25.73 -22.49 -1.24
C ASP A 29 -25.04 -23.55 -0.42
N GLY A 30 -24.59 -23.18 0.77
CA GLY A 30 -23.92 -24.14 1.67
C GLY A 30 -22.40 -24.24 1.53
N LEU A 31 -21.81 -23.54 0.57
CA LEU A 31 -20.37 -23.68 0.30
C LEU A 31 -19.52 -22.68 1.06
N THR A 32 -18.28 -23.07 1.38
CA THR A 32 -17.32 -22.10 1.91
C THR A 32 -16.05 -22.04 1.06
N GLY A 33 -15.63 -20.82 0.73
CA GLY A 33 -14.39 -20.63 -0.04
C GLY A 33 -13.24 -20.29 0.88
N LEU A 34 -12.05 -20.82 0.59
CA LEU A 34 -10.87 -20.53 1.41
C LEU A 34 -9.83 -19.63 0.71
N GLY A 35 -9.30 -18.69 1.48
CA GLY A 35 -8.22 -17.81 1.08
C GLY A 35 -7.33 -17.60 2.29
N GLU A 36 -6.25 -16.85 2.09
CA GLU A 36 -5.17 -16.75 3.06
C GLU A 36 -4.32 -15.57 2.65
N THR A 37 -3.64 -14.95 3.61
CA THR A 37 -2.56 -14.04 3.28
C THR A 37 -1.55 -14.00 4.44
N PHE A 38 -0.52 -13.15 4.33
CA PHE A 38 0.67 -13.30 5.12
C PHE A 38 1.27 -11.95 5.51
N ARG A 39 1.78 -11.86 6.74
CA ARG A 39 2.25 -10.61 7.37
C ARG A 39 1.16 -9.59 7.72
N GLY A 40 1.36 -8.93 8.85
CA GLY A 40 0.39 -7.97 9.40
C GLY A 40 -0.99 -8.56 9.55
N ALA A 41 -1.05 -9.75 10.17
CA ALA A 41 -2.28 -10.53 10.23
C ALA A 41 -3.41 -9.86 11.01
N GLN A 42 -3.07 -9.10 12.05
CA GLN A 42 -4.10 -8.37 12.80
C GLN A 42 -4.67 -7.21 11.97
N ALA A 43 -3.79 -6.46 11.30
CA ALA A 43 -4.23 -5.43 10.37
C ALA A 43 -5.19 -6.01 9.33
N VAL A 44 -4.80 -7.12 8.71
CA VAL A 44 -5.60 -7.73 7.67
C VAL A 44 -6.95 -8.16 8.23
N GLU A 45 -6.94 -8.80 9.39
CA GLU A 45 -8.17 -9.17 10.11
C GLU A 45 -9.07 -7.95 10.29
N ALA A 46 -8.48 -6.85 10.78
CA ALA A 46 -9.22 -5.61 10.95
C ALA A 46 -9.86 -5.11 9.65
N VAL A 47 -9.09 -5.08 8.56
CA VAL A 47 -9.61 -4.69 7.25
C VAL A 47 -10.81 -5.57 6.86
N LEU A 48 -10.62 -6.89 6.98
CA LEU A 48 -11.62 -7.84 6.58
C LEU A 48 -12.94 -7.61 7.29
N HIS A 49 -12.88 -7.31 8.59
CA HIS A 49 -14.08 -7.16 9.41
C HIS A 49 -14.65 -5.74 9.48
N GLU A 50 -13.80 -4.73 9.66
CA GLU A 50 -14.28 -3.34 9.63
C GLU A 50 -14.66 -2.88 8.21
N GLN A 51 -13.93 -3.31 7.18
CA GLN A 51 -14.11 -2.75 5.82
C GLN A 51 -14.61 -3.71 4.74
N THR A 52 -14.05 -4.91 4.65
CA THR A 52 -14.35 -5.81 3.53
C THR A 52 -15.73 -6.44 3.69
N ALA A 53 -15.98 -6.99 4.87
CA ALA A 53 -17.26 -7.61 5.23
C ALA A 53 -18.52 -6.79 4.88
N PRO A 54 -18.64 -5.55 5.39
CA PRO A 54 -19.78 -4.72 4.92
C PRO A 54 -19.87 -4.54 3.39
N ALA A 55 -18.74 -4.57 2.69
CA ALA A 55 -18.74 -4.31 1.23
C ALA A 55 -19.17 -5.51 0.38
N ILE A 56 -18.91 -6.72 0.87
CA ILE A 56 -19.13 -7.92 0.05
C ILE A 56 -20.37 -8.74 0.48
N ILE A 57 -20.74 -8.62 1.74
CA ILE A 57 -21.87 -9.39 2.26
C ILE A 57 -23.18 -8.96 1.58
N GLY A 58 -23.89 -9.94 1.00
CA GLY A 58 -25.10 -9.63 0.22
C GLY A 58 -24.88 -9.62 -1.29
N ARG A 59 -23.63 -9.44 -1.70
CA ARG A 59 -23.28 -9.49 -3.11
C ARG A 59 -23.28 -10.92 -3.65
N ALA A 60 -23.67 -11.06 -4.91
CA ALA A 60 -23.58 -12.34 -5.59
C ALA A 60 -22.08 -12.72 -5.70
N ALA A 61 -21.76 -13.94 -5.27
CA ALA A 61 -20.39 -14.45 -5.21
C ALA A 61 -19.75 -14.58 -6.58
N GLU A 62 -20.58 -14.66 -7.63
CA GLU A 62 -20.09 -14.91 -8.98
C GLU A 62 -19.48 -13.69 -9.65
N ASN A 63 -19.65 -12.51 -9.04
CA ASN A 63 -19.06 -11.31 -9.62
C ASN A 63 -17.64 -11.09 -9.06
N ILE A 64 -16.79 -12.07 -9.31
CA ILE A 64 -15.45 -12.12 -8.73
C ILE A 64 -14.58 -10.90 -9.11
N THR A 65 -14.52 -10.59 -10.40
CA THR A 65 -13.65 -9.53 -10.93
C THR A 65 -14.15 -8.13 -10.57
N SER A 66 -15.47 -7.98 -10.46
CA SER A 66 -16.09 -6.73 -9.99
C SER A 66 -15.80 -6.49 -8.52
N ILE A 67 -16.00 -7.52 -7.70
CA ILE A 67 -15.61 -7.44 -6.30
C ILE A 67 -14.12 -7.11 -6.13
N SER A 68 -13.27 -7.77 -6.92
CA SER A 68 -11.83 -7.55 -6.89
C SER A 68 -11.51 -6.11 -7.24
N SER A 69 -12.13 -5.58 -8.30
CA SER A 69 -11.89 -4.18 -8.68
C SER A 69 -12.19 -3.25 -7.53
N GLU A 70 -13.30 -3.48 -6.85
CA GLU A 70 -13.65 -2.61 -5.74
C GLU A 70 -12.66 -2.72 -4.58
N LEU A 71 -12.39 -3.95 -4.16
CA LEU A 71 -11.56 -4.17 -2.97
C LEU A 71 -10.12 -3.71 -3.20
N LEU A 72 -9.69 -3.75 -4.46
CA LEU A 72 -8.36 -3.31 -4.86
C LEU A 72 -8.26 -1.82 -5.05
N ASN A 73 -9.40 -1.13 -4.99
CA ASN A 73 -9.43 0.30 -5.14
C ASN A 73 -9.88 1.08 -3.92
N PRO A 74 -9.26 0.80 -2.75
CA PRO A 74 -9.77 1.58 -1.61
C PRO A 74 -9.28 3.01 -1.78
N TYR A 75 -9.91 3.94 -1.09
CA TYR A 75 -9.53 5.33 -1.23
C TYR A 75 -8.06 5.55 -0.84
N VAL A 76 -7.58 4.83 0.17
CA VAL A 76 -6.16 4.87 0.52
C VAL A 76 -5.61 3.42 0.56
N GLY A 77 -4.35 3.21 0.15
CA GLY A 77 -3.72 1.89 0.16
C GLY A 77 -3.66 1.15 -1.17
N PHE A 78 -4.05 1.80 -2.26
CA PHE A 78 -4.11 1.11 -3.54
C PHE A 78 -2.69 1.01 -4.14
N GLY A 79 -2.50 0.15 -5.15
CA GLY A 79 -1.24 0.13 -5.89
C GLY A 79 -0.01 -0.35 -5.12
N SER A 80 -0.25 -1.20 -4.12
CA SER A 80 0.80 -1.74 -3.28
C SER A 80 0.26 -2.90 -2.46
N SER A 81 1.16 -3.71 -1.90
CA SER A 81 0.79 -4.88 -1.12
C SER A 81 0.47 -4.47 0.34
N SER A 82 -0.30 -3.39 0.46
CA SER A 82 -0.86 -2.88 1.71
C SER A 82 -1.74 -3.91 2.43
N ALA A 83 -2.03 -3.66 3.69
CA ALA A 83 -2.95 -4.55 4.43
C ALA A 83 -4.33 -4.61 3.73
N GLU A 84 -4.73 -3.51 3.12
CA GLU A 84 -5.94 -3.44 2.30
C GLU A 84 -5.93 -4.45 1.14
N VAL A 85 -4.83 -4.44 0.37
CA VAL A 85 -4.70 -5.29 -0.82
C VAL A 85 -4.44 -6.75 -0.48
N ARG A 86 -3.74 -7.00 0.63
CA ARG A 86 -3.58 -8.36 1.12
C ARG A 86 -4.93 -9.00 1.49
N ALA A 87 -5.80 -8.20 2.13
CA ALA A 87 -7.12 -8.62 2.55
C ALA A 87 -7.98 -8.91 1.34
N ALA A 88 -7.90 -8.02 0.36
CA ALA A 88 -8.57 -8.21 -0.92
C ALA A 88 -8.13 -9.51 -1.59
N SER A 89 -6.82 -9.78 -1.59
CA SER A 89 -6.27 -10.97 -2.24
C SER A 89 -6.78 -12.26 -1.62
N ALA A 90 -6.85 -12.29 -0.28
CA ALA A 90 -7.37 -13.45 0.45
C ALA A 90 -8.80 -13.75 0.06
N VAL A 91 -9.64 -12.72 -0.05
CA VAL A 91 -11.06 -12.87 -0.42
C VAL A 91 -11.19 -13.31 -1.88
N ASP A 92 -10.41 -12.71 -2.77
CA ASP A 92 -10.43 -13.09 -4.19
C ASP A 92 -10.09 -14.58 -4.40
N ILE A 93 -9.11 -15.10 -3.65
CA ILE A 93 -8.79 -16.54 -3.69
C ILE A 93 -10.00 -17.37 -3.22
N ALA A 94 -10.60 -16.97 -2.10
CA ALA A 94 -11.82 -17.64 -1.63
C ALA A 94 -12.93 -17.63 -2.68
N LEU A 95 -13.10 -16.50 -3.38
CA LEU A 95 -14.16 -16.40 -4.40
C LEU A 95 -13.94 -17.32 -5.63
N TRP A 96 -12.70 -17.39 -6.11
CA TRP A 96 -12.37 -18.30 -7.21
C TRP A 96 -12.49 -19.77 -6.79
N ASP A 97 -12.08 -20.06 -5.56
CA ASP A 97 -12.35 -21.35 -4.90
C ASP A 97 -13.84 -21.72 -5.07
N LEU A 98 -14.73 -20.80 -4.66
CA LEU A 98 -16.17 -20.98 -4.83
C LEU A 98 -16.63 -21.16 -6.28
N ALA A 99 -16.05 -20.39 -7.21
CA ALA A 99 -16.41 -20.54 -8.62
C ALA A 99 -16.06 -21.93 -9.10
N GLY A 100 -14.85 -22.39 -8.74
CA GLY A 100 -14.42 -23.75 -9.03
C GLY A 100 -15.37 -24.80 -8.46
N GLN A 101 -15.70 -24.65 -7.19
CA GLN A 101 -16.68 -25.52 -6.53
C GLN A 101 -18.02 -25.57 -7.26
N ARG A 102 -18.59 -24.41 -7.59
CA ARG A 102 -19.92 -24.37 -8.19
C ARG A 102 -19.91 -25.06 -9.54
N ALA A 103 -18.81 -24.90 -10.27
CA ALA A 103 -18.72 -25.41 -11.61
C ALA A 103 -18.15 -26.81 -11.63
N GLY A 104 -17.68 -27.30 -10.49
CA GLY A 104 -17.02 -28.60 -10.41
C GLY A 104 -15.75 -28.70 -11.27
N VAL A 105 -14.91 -27.67 -11.23
CA VAL A 105 -13.63 -27.68 -11.96
C VAL A 105 -12.50 -27.20 -11.08
N PRO A 106 -11.27 -27.68 -11.34
CA PRO A 106 -10.16 -27.08 -10.59
C PRO A 106 -10.08 -25.57 -10.85
N LEU A 107 -9.54 -24.82 -9.90
CA LEU A 107 -9.50 -23.37 -10.02
C LEU A 107 -8.88 -22.89 -11.36
N HIS A 108 -7.78 -23.50 -11.81
CA HIS A 108 -7.13 -22.98 -12.99
C HIS A 108 -7.97 -23.16 -14.23
N VAL A 109 -8.89 -24.12 -14.20
CA VAL A 109 -9.81 -24.32 -15.31
C VAL A 109 -10.90 -23.24 -15.28
N ALA A 110 -11.42 -22.93 -14.09
CA ALA A 110 -12.34 -21.78 -13.96
C ALA A 110 -11.74 -20.50 -14.55
N LEU A 111 -10.43 -20.29 -14.37
CA LEU A 111 -9.71 -19.13 -14.93
C LEU A 111 -9.72 -19.07 -16.46
N GLY A 112 -9.97 -20.20 -17.11
CA GLY A 112 -10.01 -20.26 -18.56
C GLY A 112 -9.24 -21.40 -19.19
N GLY A 113 -8.59 -22.21 -18.37
CA GLY A 113 -7.94 -23.42 -18.82
C GLY A 113 -6.54 -23.60 -18.26
N ALA A 114 -6.06 -24.85 -18.31
CA ALA A 114 -4.61 -25.12 -18.13
C ALA A 114 -3.86 -24.79 -19.41
N ALA A 115 -2.70 -24.15 -19.26
CA ALA A 115 -1.71 -24.03 -20.33
C ALA A 115 -0.76 -25.23 -20.30
N ARG A 116 -0.74 -25.95 -19.18
CA ARG A 116 0.13 -27.10 -19.01
C ARG A 116 -0.49 -28.06 -17.95
N ASP A 117 -0.18 -29.35 -18.04
CA ASP A 117 -0.71 -30.29 -17.03
C ASP A 117 0.21 -30.46 -15.82
N ARG A 118 1.35 -29.77 -15.85
CA ARG A 118 2.37 -29.80 -14.79
C ARG A 118 3.33 -28.61 -14.93
N VAL A 119 4.00 -28.25 -13.85
CA VAL A 119 4.97 -27.17 -13.87
C VAL A 119 6.19 -27.55 -13.03
N PRO A 120 7.40 -27.27 -13.56
CA PRO A 120 8.63 -27.46 -12.81
C PRO A 120 8.61 -26.60 -11.57
N VAL A 121 9.17 -27.13 -10.48
CA VAL A 121 9.20 -26.41 -9.22
C VAL A 121 10.64 -26.26 -8.74
N TYR A 122 10.85 -25.30 -7.85
CA TYR A 122 12.09 -25.21 -7.10
C TYR A 122 11.75 -25.08 -5.62
N ALA A 123 12.47 -25.77 -4.76
CA ALA A 123 12.13 -25.83 -3.33
C ALA A 123 13.07 -24.96 -2.52
N THR A 124 12.48 -24.07 -1.73
CA THR A 124 13.21 -23.09 -0.92
C THR A 124 13.01 -23.32 0.58
N CYS A 125 11.95 -24.05 0.93
CA CYS A 125 11.53 -24.28 2.32
C CYS A 125 11.03 -25.72 2.53
N ALA A 126 11.13 -26.19 3.77
CA ALA A 126 10.74 -27.55 4.18
C ALA A 126 10.26 -27.61 5.65
N GLY A 127 9.59 -28.69 6.01
CA GLY A 127 9.32 -28.99 7.42
C GLY A 127 8.46 -28.01 8.20
N TYR A 128 8.79 -27.83 9.49
CA TYR A 128 7.87 -27.20 10.45
C TYR A 128 8.31 -25.82 10.96
N ASP A 129 9.48 -25.34 10.52
CA ASP A 129 10.12 -24.18 11.16
C ASP A 129 9.91 -22.81 10.48
N PHE A 130 9.75 -22.81 9.17
CA PHE A 130 9.77 -21.57 8.37
C PHE A 130 8.59 -20.60 8.62
N ASP A 159 26.25 -25.95 4.09
CA ASP A 159 26.97 -26.52 2.95
C ASP A 159 26.03 -26.64 1.75
N ALA A 160 26.09 -25.63 0.90
CA ALA A 160 25.21 -25.52 -0.26
C ALA A 160 25.46 -26.59 -1.32
N GLY A 161 26.69 -27.11 -1.37
CA GLY A 161 27.05 -28.19 -2.28
C GLY A 161 26.31 -29.49 -2.00
N VAL A 162 26.36 -29.93 -0.74
CA VAL A 162 25.59 -31.09 -0.27
C VAL A 162 24.09 -30.91 -0.56
N LEU A 163 23.57 -29.72 -0.28
CA LEU A 163 22.18 -29.41 -0.59
C LEU A 163 21.92 -29.57 -2.09
N ALA A 164 22.76 -28.94 -2.91
CA ALA A 164 22.62 -29.05 -4.37
C ALA A 164 22.60 -30.53 -4.84
N GLU A 165 23.52 -31.34 -4.30
CA GLU A 165 23.54 -32.77 -4.62
C GLU A 165 22.21 -33.48 -4.39
N SER A 166 21.62 -33.30 -3.20
CA SER A 166 20.35 -33.99 -2.95
C SER A 166 19.15 -33.36 -3.69
N LEU A 167 19.14 -32.03 -3.84
CA LEU A 167 18.12 -31.41 -4.69
C LEU A 167 18.18 -31.96 -6.11
N VAL A 168 19.38 -32.13 -6.66
CA VAL A 168 19.56 -32.73 -7.99
C VAL A 168 19.07 -34.19 -7.96
N ALA A 169 19.47 -34.93 -6.93
CA ALA A 169 19.04 -36.31 -6.74
C ALA A 169 17.52 -36.42 -6.76
N GLU A 170 16.84 -35.45 -6.14
CA GLU A 170 15.37 -35.47 -6.06
C GLU A 170 14.69 -34.92 -7.32
N GLY A 171 15.48 -34.47 -8.30
CA GLY A 171 14.93 -34.05 -9.58
C GLY A 171 14.58 -32.57 -9.76
N TYR A 172 14.90 -31.72 -8.78
CA TYR A 172 14.70 -30.25 -8.93
C TYR A 172 15.61 -29.63 -9.98
N ALA A 173 15.01 -28.91 -10.93
CA ALA A 173 15.76 -28.18 -11.92
C ALA A 173 16.40 -26.87 -11.40
N ALA A 174 15.94 -26.36 -10.25
CA ALA A 174 16.41 -25.05 -9.76
C ALA A 174 16.46 -24.94 -8.24
N MET A 175 17.33 -24.07 -7.75
CA MET A 175 17.43 -23.84 -6.32
C MET A 175 17.68 -22.35 -6.07
N LYS A 176 17.15 -21.86 -4.95
CA LYS A 176 17.27 -20.48 -4.60
C LYS A 176 17.91 -20.31 -3.25
N ILE A 177 18.90 -19.42 -3.20
CA ILE A 177 19.61 -19.11 -1.97
C ILE A 177 19.72 -17.59 -1.83
N TRP A 178 20.00 -17.15 -0.62
CA TRP A 178 20.11 -15.74 -0.34
C TRP A 178 21.23 -15.48 0.67
N PRO A 179 22.49 -15.71 0.27
CA PRO A 179 23.57 -15.60 1.26
C PRO A 179 24.09 -14.18 1.52
N PHE A 180 23.59 -13.16 0.84
CA PHE A 180 24.03 -11.79 1.08
C PHE A 180 23.22 -11.01 2.14
N ASP A 181 22.03 -11.49 2.52
CA ASP A 181 21.13 -10.74 3.44
C ASP A 181 21.77 -10.13 4.70
N ASP A 182 22.60 -10.90 5.39
CA ASP A 182 23.20 -10.41 6.64
C ASP A 182 24.04 -9.16 6.45
N PHE A 183 24.75 -9.09 5.33
CA PHE A 183 25.62 -7.93 5.03
C PHE A 183 24.88 -6.61 4.94
N ALA A 184 23.62 -6.65 4.54
CA ALA A 184 22.81 -5.45 4.42
C ALA A 184 22.53 -4.79 5.78
N SER A 185 22.57 -5.58 6.85
CA SER A 185 22.39 -5.03 8.20
C SER A 185 23.61 -4.23 8.66
N ILE A 186 24.76 -4.42 7.99
CA ILE A 186 25.89 -3.52 8.21
C ILE A 186 25.58 -2.17 7.54
N THR A 187 25.16 -2.22 6.29
CA THR A 187 24.69 -1.06 5.53
C THR A 187 24.10 -1.56 4.22
N PRO A 188 22.93 -1.03 3.86
CA PRO A 188 22.32 -1.47 2.61
C PRO A 188 22.92 -0.79 1.39
N HIS A 189 23.83 0.16 1.58
CA HIS A 189 24.31 1.01 0.47
C HIS A 189 25.74 0.77 0.01
N HIS A 190 26.39 -0.21 0.62
CA HIS A 190 27.72 -0.61 0.24
C HIS A 190 27.95 -2.03 0.71
N ILE A 191 28.69 -2.79 -0.06
CA ILE A 191 29.16 -4.10 0.40
C ILE A 191 30.67 -4.20 0.15
N SER A 192 31.43 -4.54 1.19
CA SER A 192 32.89 -4.69 1.03
C SER A 192 33.25 -5.84 0.09
N LEU A 193 34.46 -5.78 -0.44
CA LEU A 193 34.98 -6.84 -1.30
C LEU A 193 35.05 -8.19 -0.55
N THR A 194 35.33 -8.12 0.76
CA THR A 194 35.45 -9.30 1.64
C THR A 194 34.11 -9.95 1.91
N ASP A 195 33.11 -9.14 2.26
CA ASP A 195 31.76 -9.64 2.40
C ASP A 195 31.25 -10.22 1.09
N LEU A 196 31.56 -9.52 -0.01
CA LEU A 196 31.27 -10.01 -1.36
C LEU A 196 31.84 -11.41 -1.61
N LYS A 197 33.15 -11.59 -1.43
CA LYS A 197 33.78 -12.91 -1.56
C LYS A 197 33.07 -13.99 -0.74
N ASP A 198 32.65 -13.67 0.50
CA ASP A 198 32.00 -14.68 1.33
C ASP A 198 30.62 -15.03 0.86
N GLY A 199 29.86 -14.02 0.44
CA GLY A 199 28.51 -14.27 -0.06
C GLY A 199 28.52 -15.12 -1.30
N LEU A 200 29.60 -15.06 -2.07
CA LEU A 200 29.72 -15.84 -3.30
C LEU A 200 30.15 -17.30 -3.07
N GLU A 201 30.72 -17.61 -1.90
CA GLU A 201 31.14 -18.97 -1.56
C GLU A 201 30.10 -20.08 -1.85
N PRO A 202 28.84 -19.90 -1.40
CA PRO A 202 27.83 -20.94 -1.71
C PRO A 202 27.65 -21.16 -3.20
N PHE A 203 27.90 -20.15 -4.02
CA PHE A 203 27.73 -20.29 -5.47
C PHE A 203 28.85 -21.17 -6.03
N ARG A 204 30.07 -20.93 -5.54
CA ARG A 204 31.25 -21.73 -5.89
C ARG A 204 31.02 -23.21 -5.52
N LYS A 205 30.53 -23.46 -4.29
CA LYS A 205 30.27 -24.81 -3.81
C LYS A 205 29.28 -25.56 -4.68
N ILE A 206 28.17 -24.91 -5.04
CA ILE A 206 27.12 -25.51 -5.85
C ILE A 206 27.71 -25.92 -7.18
N ARG A 207 28.46 -25.01 -7.80
CA ARG A 207 29.08 -25.31 -9.06
C ARG A 207 30.09 -26.45 -8.93
N ALA A 208 30.95 -26.40 -7.91
CA ALA A 208 31.98 -27.42 -7.74
C ALA A 208 31.37 -28.81 -7.49
N ALA A 209 30.21 -28.84 -6.82
CA ALA A 209 29.52 -30.09 -6.49
C ALA A 209 28.69 -30.65 -7.62
N VAL A 210 27.97 -29.81 -8.37
CA VAL A 210 27.01 -30.32 -9.38
C VAL A 210 27.11 -29.70 -10.81
N GLY A 211 28.08 -28.80 -11.01
CA GLY A 211 28.24 -28.12 -12.30
C GLY A 211 26.95 -27.47 -12.80
N GLN A 212 26.54 -27.84 -14.01
CA GLN A 212 25.40 -27.21 -14.68
C GLN A 212 24.08 -27.97 -14.45
N ARG A 213 24.09 -28.96 -13.56
CA ARG A 213 22.92 -29.83 -13.34
C ARG A 213 21.73 -29.20 -12.60
N ILE A 214 21.93 -28.03 -12.01
CA ILE A 214 20.83 -27.31 -11.40
C ILE A 214 20.99 -25.83 -11.75
N GLU A 215 19.87 -25.12 -11.88
CA GLU A 215 19.85 -23.67 -11.98
C GLU A 215 20.00 -23.06 -10.60
N ILE A 216 20.69 -21.91 -10.54
CA ILE A 216 20.80 -21.18 -9.28
C ILE A 216 20.13 -19.81 -9.39
N MET A 217 19.36 -19.48 -8.36
CA MET A 217 18.67 -18.22 -8.30
C MET A 217 19.19 -17.49 -7.06
N CYS A 218 19.69 -16.26 -7.27
CA CYS A 218 20.14 -15.43 -6.16
C CYS A 218 19.04 -14.48 -5.69
N GLU A 219 18.52 -14.73 -4.49
CA GLU A 219 17.52 -13.89 -3.88
C GLU A 219 18.23 -12.78 -3.10
N LEU A 220 17.85 -11.52 -3.36
CA LEU A 220 18.43 -10.39 -2.62
C LEU A 220 17.42 -9.70 -1.70
N HIS A 221 16.15 -10.09 -1.80
CA HIS A 221 15.12 -9.63 -0.86
C HIS A 221 14.93 -8.11 -0.76
N SER A 222 15.17 -7.38 -1.85
CA SER A 222 14.98 -5.90 -1.89
C SER A 222 15.80 -5.17 -0.79
N LEU A 223 16.97 -5.68 -0.47
CA LEU A 223 17.74 -5.14 0.64
C LEU A 223 18.72 -4.04 0.26
N TRP A 224 19.05 -3.93 -1.04
CA TRP A 224 20.23 -3.16 -1.45
C TRP A 224 20.00 -1.88 -2.24
N GLY A 225 20.91 -0.91 -2.07
CA GLY A 225 20.99 0.27 -2.91
C GLY A 225 21.66 -0.05 -4.25
N THR A 226 21.73 0.94 -5.14
CA THR A 226 22.13 0.69 -6.53
C THR A 226 23.57 0.18 -6.70
N HIS A 227 24.49 0.72 -5.90
CA HIS A 227 25.90 0.34 -6.02
C HIS A 227 26.16 -1.08 -5.50
N ALA A 228 25.61 -1.39 -4.34
CA ALA A 228 25.78 -2.71 -3.78
C ALA A 228 25.12 -3.74 -4.68
N ALA A 229 23.99 -3.41 -5.29
CA ALA A 229 23.35 -4.42 -6.15
C ALA A 229 24.14 -4.69 -7.44
N ALA A 230 24.63 -3.62 -8.06
CA ALA A 230 25.43 -3.74 -9.25
C ALA A 230 26.68 -4.58 -9.00
N ARG A 231 27.33 -4.34 -7.84
CA ARG A 231 28.52 -5.04 -7.42
C ARG A 231 28.24 -6.53 -7.21
N ILE A 232 27.10 -6.86 -6.57
CA ILE A 232 26.71 -8.24 -6.42
C ILE A 232 26.37 -8.88 -7.78
N CYS A 233 25.48 -8.25 -8.55
CA CYS A 233 25.16 -8.73 -9.91
C CYS A 233 26.33 -8.99 -10.81
N ASN A 234 27.28 -8.04 -10.88
CA ASN A 234 28.48 -8.26 -11.66
C ASN A 234 29.27 -9.48 -11.13
N ALA A 235 29.47 -9.56 -9.81
CA ALA A 235 30.28 -10.64 -9.23
C ALA A 235 29.70 -12.03 -9.48
N LEU A 236 28.37 -12.11 -9.66
CA LEU A 236 27.71 -13.39 -9.91
C LEU A 236 27.83 -13.86 -11.36
N ALA A 237 28.36 -13.02 -12.25
CA ALA A 237 28.43 -13.39 -13.68
C ALA A 237 28.98 -14.81 -13.93
N ASP A 238 30.04 -15.17 -13.20
CA ASP A 238 30.78 -16.40 -13.47
C ASP A 238 30.09 -17.66 -12.95
N TYR A 239 29.01 -17.49 -12.22
CA TYR A 239 28.30 -18.64 -11.67
C TYR A 239 27.07 -19.00 -12.50
N GLY A 240 26.81 -18.21 -13.54
CA GLY A 240 25.69 -18.47 -14.45
C GLY A 240 24.35 -18.62 -13.76
N VAL A 241 24.03 -17.66 -12.87
CA VAL A 241 22.78 -17.67 -12.12
C VAL A 241 21.63 -17.49 -13.10
N LEU A 242 20.52 -18.17 -12.86
CA LEU A 242 19.35 -18.03 -13.69
C LEU A 242 18.75 -16.63 -13.54
N TRP A 243 18.67 -16.14 -12.30
CA TRP A 243 18.18 -14.82 -12.05
C TRP A 243 18.64 -14.28 -10.71
N VAL A 244 18.73 -12.96 -10.65
CA VAL A 244 18.97 -12.26 -9.42
C VAL A 244 17.65 -11.58 -9.06
N GLU A 245 17.14 -11.97 -7.90
CA GLU A 245 15.80 -11.62 -7.49
C GLU A 245 15.73 -10.44 -6.52
N ASP A 246 14.90 -9.47 -6.90
CA ASP A 246 14.63 -8.28 -6.09
C ASP A 246 15.91 -7.62 -5.56
N PRO A 247 16.79 -7.19 -6.48
CA PRO A 247 18.06 -6.59 -6.07
C PRO A 247 17.95 -5.26 -5.32
N ILE A 248 16.88 -4.48 -5.55
CA ILE A 248 16.80 -3.08 -5.12
C ILE A 248 15.79 -2.81 -4.00
N ALA A 249 16.23 -2.09 -2.98
CA ALA A 249 15.36 -1.57 -1.93
C ALA A 249 14.69 -0.25 -2.40
N LYS A 250 13.42 -0.25 -2.80
CA LYS A 250 12.55 -1.39 -2.99
C LYS A 250 12.20 -1.44 -4.49
N MET A 251 11.44 -2.44 -4.89
CA MET A 251 11.25 -2.72 -6.32
C MET A 251 10.18 -1.85 -7.02
N ASP A 252 9.62 -0.89 -6.28
CA ASP A 252 8.88 0.20 -6.92
C ASP A 252 9.84 1.19 -7.55
N ASN A 253 11.13 1.08 -7.24
CA ASN A 253 12.12 1.94 -7.90
C ASN A 253 12.51 1.36 -9.26
N ILE A 254 11.63 1.56 -10.23
CA ILE A 254 11.80 0.99 -11.55
C ILE A 254 13.01 1.58 -12.29
N PRO A 255 13.20 2.92 -12.26
CA PRO A 255 14.37 3.47 -12.97
C PRO A 255 15.71 2.91 -12.47
N ALA A 256 15.82 2.71 -11.15
CA ALA A 256 17.03 2.13 -10.52
C ALA A 256 17.25 0.70 -11.00
N VAL A 257 16.18 -0.09 -11.05
CA VAL A 257 16.24 -1.46 -11.55
C VAL A 257 16.57 -1.50 -13.05
N ALA A 258 15.90 -0.67 -13.85
CA ALA A 258 16.21 -0.57 -15.27
C ALA A 258 17.68 -0.20 -15.51
N ASP A 259 18.25 0.70 -14.70
CA ASP A 259 19.63 1.12 -14.91
C ASP A 259 20.56 -0.01 -14.51
N LEU A 260 20.24 -0.70 -13.42
CA LEU A 260 20.98 -1.90 -13.01
C LEU A 260 21.06 -2.95 -14.11
N ARG A 261 19.91 -3.26 -14.71
CA ARG A 261 19.82 -4.31 -15.71
C ARG A 261 20.60 -3.89 -16.95
N ARG A 262 20.51 -2.61 -17.29
CA ARG A 262 21.20 -2.05 -18.43
C ARG A 262 22.74 -2.08 -18.28
N GLN A 263 23.23 -1.59 -17.14
CA GLN A 263 24.67 -1.49 -16.89
C GLN A 263 25.36 -2.86 -16.71
N THR A 264 24.70 -3.79 -16.04
CA THR A 264 25.32 -5.07 -15.69
C THR A 264 24.90 -6.20 -16.61
N ARG A 265 23.74 -6.05 -17.25
CA ARG A 265 23.14 -7.09 -18.11
C ARG A 265 22.78 -8.37 -17.36
N ALA A 266 22.61 -8.26 -16.05
CA ALA A 266 22.31 -9.43 -15.22
C ALA A 266 20.84 -9.79 -15.45
N PRO A 267 20.50 -11.09 -15.31
CA PRO A 267 19.09 -11.49 -15.41
C PRO A 267 18.35 -11.11 -14.12
N ILE A 268 17.34 -10.25 -14.23
CA ILE A 268 16.64 -9.72 -13.04
C ILE A 268 15.20 -10.26 -12.91
N CYS A 269 14.88 -10.75 -11.72
CA CYS A 269 13.51 -11.16 -11.38
C CYS A 269 12.91 -10.18 -10.35
N GLY A 270 11.71 -9.69 -10.65
CA GLY A 270 11.07 -8.68 -9.80
C GLY A 270 9.59 -8.95 -9.61
N GLY A 271 9.06 -8.50 -8.48
CA GLY A 271 7.61 -8.44 -8.29
C GLY A 271 6.99 -9.13 -7.08
N GLU A 272 7.74 -10.03 -6.44
CA GLU A 272 7.24 -10.76 -5.27
C GLU A 272 6.36 -9.94 -4.30
N ASN A 273 6.85 -8.77 -3.90
CA ASN A 273 6.13 -8.00 -2.92
C ASN A 273 5.43 -6.76 -3.48
N LEU A 274 5.31 -6.70 -4.81
CA LEU A 274 4.57 -5.64 -5.46
C LEU A 274 3.16 -6.10 -5.69
N ALA A 275 2.25 -5.15 -5.98
CA ALA A 275 0.83 -5.47 -6.18
C ALA A 275 0.22 -4.58 -7.23
N GLY A 276 -0.79 -5.11 -7.92
CA GLY A 276 -1.59 -4.38 -8.91
C GLY A 276 -0.94 -4.39 -10.26
N THR A 277 -1.75 -4.27 -11.31
CA THR A 277 -1.27 -4.33 -12.69
C THR A 277 -0.37 -3.15 -13.03
N ARG A 278 -0.63 -2.00 -12.43
CA ARG A 278 0.12 -0.78 -12.72
C ARG A 278 1.66 -0.98 -12.52
N ARG A 279 2.07 -1.43 -11.34
CA ARG A 279 3.47 -1.57 -11.03
C ARG A 279 4.15 -2.61 -11.93
N PHE A 280 3.46 -3.72 -12.20
CA PHE A 280 3.99 -4.75 -13.11
C PHE A 280 4.07 -4.23 -14.54
N HIS A 281 3.02 -3.54 -14.97
CA HIS A 281 2.99 -2.94 -16.30
C HIS A 281 4.19 -2.00 -16.51
N GLU A 282 4.46 -1.17 -15.50
CA GLU A 282 5.58 -0.21 -15.54
C GLU A 282 6.96 -0.90 -15.54
N MET A 283 7.14 -1.95 -14.70
CA MET A 283 8.39 -2.71 -14.66
C MET A 283 8.67 -3.25 -16.06
N LEU A 284 7.66 -3.90 -16.64
CA LEU A 284 7.77 -4.54 -17.95
C LEU A 284 8.06 -3.59 -19.11
N CYS A 285 7.37 -2.43 -19.13
CA CYS A 285 7.55 -1.43 -20.20
C CYS A 285 8.91 -0.77 -20.15
N ALA A 286 9.49 -0.71 -18.97
CA ALA A 286 10.76 -0.05 -18.77
C ALA A 286 11.92 -1.01 -19.05
N ASP A 287 11.60 -2.27 -19.38
CA ASP A 287 12.65 -3.28 -19.60
C ASP A 287 13.55 -3.47 -18.36
N ALA A 288 12.90 -3.36 -17.19
CA ALA A 288 13.57 -3.47 -15.89
C ALA A 288 13.85 -4.93 -15.48
N ILE A 289 13.08 -5.88 -16.02
CA ILE A 289 13.16 -7.27 -15.53
C ILE A 289 13.17 -8.34 -16.63
N ASP A 290 13.81 -9.47 -16.34
CA ASP A 290 13.82 -10.61 -17.24
C ASP A 290 12.76 -11.65 -16.85
N PHE A 291 12.33 -11.64 -15.60
CA PHE A 291 11.36 -12.61 -15.12
C PHE A 291 10.37 -11.90 -14.22
N VAL A 292 9.12 -12.33 -14.29
CA VAL A 292 8.06 -11.81 -13.40
C VAL A 292 7.77 -12.79 -12.25
N MET A 293 7.88 -12.33 -11.02
CA MET A 293 7.50 -13.09 -9.83
C MET A 293 6.29 -12.41 -9.23
N LEU A 294 5.37 -13.20 -8.68
CA LEU A 294 4.27 -12.61 -7.93
C LEU A 294 3.82 -13.58 -6.86
N ASP A 295 3.30 -13.01 -5.77
CA ASP A 295 2.69 -13.78 -4.69
C ASP A 295 1.18 -13.52 -4.77
N LEU A 296 0.43 -14.59 -4.98
CA LEU A 296 -1.02 -14.50 -5.20
C LEU A 296 -1.81 -14.00 -3.99
N THR A 297 -1.19 -13.94 -2.81
CA THR A 297 -1.88 -13.44 -1.63
C THR A 297 -1.44 -12.00 -1.28
N TRP A 298 -0.64 -11.40 -2.16
CA TRP A 298 -0.08 -10.06 -1.98
C TRP A 298 -0.31 -9.15 -3.20
N CYS A 299 -0.52 -9.73 -4.38
CA CYS A 299 -0.56 -8.97 -5.62
C CYS A 299 -1.94 -8.42 -5.96
N GLY A 300 -2.95 -8.80 -5.18
CA GLY A 300 -4.34 -8.48 -5.48
C GLY A 300 -5.19 -9.73 -5.56
N GLY A 301 -4.53 -10.89 -5.73
CA GLY A 301 -5.24 -12.17 -5.82
C GLY A 301 -5.18 -12.79 -7.20
N LEU A 302 -6.01 -13.78 -7.45
CA LEU A 302 -5.95 -14.53 -8.71
C LEU A 302 -6.49 -13.78 -9.90
N SER A 303 -7.44 -12.87 -9.66
CA SER A 303 -8.03 -12.09 -10.74
C SER A 303 -6.95 -11.16 -11.28
N GLU A 304 -6.21 -10.55 -10.36
CA GLU A 304 -5.18 -9.61 -10.68
C GLU A 304 -3.95 -10.36 -11.22
N GLY A 305 -3.61 -11.49 -10.61
CA GLY A 305 -2.53 -12.33 -11.08
C GLY A 305 -2.76 -12.79 -12.51
N ARG A 306 -4.01 -13.05 -12.84
CA ARG A 306 -4.37 -13.45 -14.20
C ARG A 306 -4.10 -12.29 -15.17
N LYS A 307 -4.46 -11.08 -14.75
CA LYS A 307 -4.13 -9.90 -15.53
C LYS A 307 -2.61 -9.69 -15.66
N ILE A 308 -1.89 -9.98 -14.57
CA ILE A 308 -0.43 -9.83 -14.53
C ILE A 308 0.28 -10.87 -15.44
N ALA A 309 -0.24 -12.09 -15.47
CA ALA A 309 0.18 -13.11 -16.41
C ALA A 309 -0.05 -12.71 -17.87
N ALA A 310 -1.18 -12.05 -18.16
CA ALA A 310 -1.43 -11.53 -19.51
C ALA A 310 -0.41 -10.44 -19.92
N LEU A 311 -0.13 -9.49 -19.02
CA LEU A 311 0.99 -8.57 -19.22
C LEU A 311 2.27 -9.31 -19.63
N ALA A 312 2.67 -10.29 -18.82
CA ALA A 312 3.88 -11.04 -19.08
C ALA A 312 3.83 -11.67 -20.45
N GLU A 313 2.71 -12.31 -20.79
CA GLU A 313 2.53 -12.96 -22.10
C GLU A 313 2.68 -11.96 -23.25
N THR A 314 2.13 -10.77 -23.09
CA THR A 314 2.25 -9.75 -24.10
C THR A 314 3.73 -9.33 -24.30
N HIS A 315 4.45 -9.18 -23.19
CA HIS A 315 5.85 -8.87 -23.26
C HIS A 315 6.75 -10.08 -23.58
N ALA A 316 6.15 -11.26 -23.74
CA ALA A 316 6.89 -12.52 -23.92
C ALA A 316 7.87 -12.86 -22.78
N ARG A 317 7.59 -12.37 -21.57
CA ARG A 317 8.46 -12.61 -20.41
C ARG A 317 7.97 -13.77 -19.59
N PRO A 318 8.90 -14.60 -19.06
CA PRO A 318 8.52 -15.74 -18.21
C PRO A 318 8.12 -15.35 -16.79
N LEU A 319 7.43 -16.29 -16.13
CA LEU A 319 6.75 -15.99 -14.87
C LEU A 319 6.91 -17.12 -13.85
N ALA A 320 6.91 -16.76 -12.57
CA ALA A 320 6.93 -17.77 -11.50
C ALA A 320 6.17 -17.25 -10.26
N PRO A 321 5.22 -18.03 -9.76
CA PRO A 321 4.58 -17.68 -8.50
C PRO A 321 5.44 -17.99 -7.28
N HIS A 322 5.39 -17.10 -6.29
CA HIS A 322 6.12 -17.22 -5.04
C HIS A 322 5.37 -18.12 -4.04
N SIC A 323 5.92 -18.93 -3.12
CA SIC A 323 5.28 -19.54 -1.96
C2 SIC A 323 6.05 -19.29 -0.70
O2 SIC A 323 6.41 -18.17 -0.35
C4 SIC A 323 5.17 -21.04 -2.04
C5 SIC A 323 5.75 -21.47 -0.72
O5 SIC A 323 5.74 -22.63 -0.33
N1 SIC A 323 6.24 -20.43 -0.04
C3 SIC A 323 6.87 -20.57 1.28
CB SIC A 323 8.31 -20.07 1.17
SG SIC A 323 9.24 -21.33 0.26
C SIC A 323 6.13 -19.86 2.40
O SIC A 323 6.78 -19.18 3.17
N THR A 324 4.90 -19.36 2.31
CA THR A 324 4.07 -18.71 3.31
C THR A 324 3.07 -19.69 3.94
N GLY A 325 1.92 -19.90 3.32
CA GLY A 325 0.97 -20.89 3.83
C GLY A 325 0.59 -21.84 2.71
N PRO A 326 -0.17 -22.91 3.04
CA PRO A 326 -0.62 -23.88 2.05
C PRO A 326 -1.56 -23.29 1.00
N VAL A 327 -2.36 -22.29 1.35
CA VAL A 327 -3.29 -21.68 0.38
C VAL A 327 -2.52 -20.89 -0.69
N ALA A 328 -1.52 -20.09 -0.27
CA ALA A 328 -0.67 -19.38 -1.25
C ALA A 328 -0.03 -20.35 -2.26
N LEU A 329 0.39 -21.51 -1.76
CA LEU A 329 1.02 -22.54 -2.56
C LEU A 329 0.03 -23.04 -3.61
N MET A 330 -1.16 -23.47 -3.16
CA MET A 330 -2.19 -23.95 -4.08
C MET A 330 -2.68 -22.88 -5.04
N ALA A 331 -2.86 -21.65 -4.56
CA ALA A 331 -3.23 -20.54 -5.44
C ALA A 331 -2.13 -20.29 -6.51
N GLY A 332 -0.87 -20.27 -6.07
CA GLY A 332 0.25 -20.06 -6.99
C GLY A 332 0.32 -21.14 -8.05
N LEU A 333 0.10 -22.38 -7.62
CA LEU A 333 0.11 -23.53 -8.54
C LEU A 333 -0.94 -23.39 -9.66
N HIS A 334 -2.17 -23.07 -9.27
CA HIS A 334 -3.24 -22.82 -10.23
C HIS A 334 -2.84 -21.75 -11.23
N LEU A 335 -2.27 -20.65 -10.73
CA LEU A 335 -1.80 -19.62 -11.66
C LEU A 335 -0.66 -20.13 -12.55
N ALA A 336 0.32 -20.84 -11.98
CA ALA A 336 1.40 -21.40 -12.77
C ALA A 336 0.90 -22.35 -13.90
N LEU A 337 -0.21 -23.06 -13.67
CA LEU A 337 -0.75 -23.97 -14.69
C LEU A 337 -1.57 -23.26 -15.72
N HIS A 338 -2.08 -22.09 -15.36
CA HIS A 338 -2.92 -21.28 -16.24
C HIS A 338 -2.10 -20.30 -17.05
N ALA A 339 -1.09 -19.69 -16.42
CA ALA A 339 -0.32 -18.60 -17.05
C ALA A 339 0.41 -19.07 -18.31
N PRO A 340 0.21 -18.36 -19.44
CA PRO A 340 0.89 -18.75 -20.69
C PRO A 340 2.40 -18.86 -20.54
N THR A 341 3.02 -17.97 -19.76
CA THR A 341 4.48 -17.96 -19.71
C THR A 341 5.12 -18.45 -18.39
N ALA A 342 4.34 -19.13 -17.54
CA ALA A 342 4.90 -19.66 -16.31
C ALA A 342 5.91 -20.77 -16.59
N ILE A 343 7.07 -20.66 -15.94
CA ILE A 343 8.15 -21.66 -16.08
C ILE A 343 8.49 -22.43 -14.79
N PHE A 344 8.15 -21.85 -13.63
CA PHE A 344 8.48 -22.43 -12.34
C PHE A 344 7.43 -22.08 -11.32
N GLN A 345 7.45 -22.80 -10.20
CA GLN A 345 6.60 -22.54 -9.05
C GLN A 345 7.48 -22.81 -7.85
N GLU A 346 7.59 -21.83 -6.96
CA GLU A 346 8.33 -22.00 -5.71
C GLU A 346 7.54 -22.92 -4.77
N VAL A 347 8.20 -23.89 -4.16
CA VAL A 347 7.48 -24.83 -3.30
C VAL A 347 8.18 -25.15 -2.01
N VAL A 348 7.40 -25.84 -1.17
CA VAL A 348 7.89 -26.60 -0.02
C VAL A 348 8.44 -27.97 -0.48
N ARG A 349 9.53 -28.41 0.15
CA ARG A 349 10.19 -29.66 -0.24
C ARG A 349 9.36 -30.92 -0.01
N ALA A 350 8.95 -31.53 -1.13
CA ALA A 350 7.99 -32.65 -1.18
C ALA A 350 8.43 -33.93 -0.47
N SER A 351 9.75 -34.13 -0.35
CA SER A 351 10.30 -35.31 0.32
C SER A 351 10.24 -35.21 1.85
N LEU A 352 10.06 -33.98 2.35
CA LEU A 352 10.08 -33.71 3.80
C LEU A 352 8.72 -33.20 4.28
N ALA A 353 8.16 -33.90 5.27
CA ALA A 353 6.83 -33.59 5.80
C ALA A 353 6.76 -32.20 6.40
N THR A 354 5.65 -31.51 6.14
CA THR A 354 5.54 -30.09 6.43
C THR A 354 4.32 -29.79 7.28
N TRP A 355 4.36 -28.67 8.01
CA TRP A 355 3.22 -28.26 8.84
C TRP A 355 1.96 -27.98 8.00
N TYR A 356 2.12 -27.60 6.73
CA TYR A 356 0.96 -27.40 5.86
C TYR A 356 -0.02 -28.57 6.04
N ALA A 357 0.53 -29.78 6.15
CA ALA A 357 -0.24 -31.02 6.22
C ALA A 357 -1.08 -31.13 7.48
N ASP A 358 -0.70 -30.36 8.51
CA ASP A 358 -1.49 -30.28 9.73
C ASP A 358 -2.75 -29.41 9.59
N LEU A 359 -2.75 -28.46 8.65
CA LEU A 359 -3.84 -27.48 8.58
C LEU A 359 -4.88 -27.73 7.50
N VAL A 360 -4.48 -28.33 6.38
CA VAL A 360 -5.41 -28.50 5.25
C VAL A 360 -5.53 -29.96 4.83
N ASP A 361 -6.63 -30.32 4.15
CA ASP A 361 -6.80 -31.71 3.74
C ASP A 361 -5.89 -32.18 2.59
N HIS A 362 -5.53 -31.28 1.67
CA HIS A 362 -4.79 -31.70 0.48
C HIS A 362 -3.63 -30.78 0.08
N LEU A 363 -2.54 -31.40 -0.33
CA LEU A 363 -1.39 -30.67 -0.83
C LEU A 363 -1.10 -31.12 -2.26
N PRO A 364 -0.45 -30.25 -3.05
CA PRO A 364 -0.17 -30.62 -4.42
C PRO A 364 0.74 -31.86 -4.48
N VAL A 365 0.52 -32.67 -5.51
CA VAL A 365 1.45 -33.76 -5.82
C VAL A 365 2.70 -33.19 -6.49
N ILE A 366 3.82 -33.24 -5.75
CA ILE A 366 5.13 -32.90 -6.28
C ILE A 366 6.02 -34.13 -6.27
N GLN A 367 6.25 -34.66 -7.46
CA GLN A 367 7.17 -35.76 -7.71
C GLN A 367 8.31 -35.24 -8.61
N GLU A 368 9.54 -35.53 -8.21
CA GLU A 368 10.72 -35.32 -9.07
C GLU A 368 10.83 -33.93 -9.70
N GLY A 369 10.59 -32.88 -8.91
CA GLY A 369 10.73 -31.51 -9.38
C GLY A 369 9.65 -31.02 -10.32
N ILE A 370 8.49 -31.63 -10.21
CA ILE A 370 7.33 -31.36 -11.04
C ILE A 370 6.10 -31.29 -10.13
N ALA A 371 5.27 -30.25 -10.29
CA ALA A 371 3.99 -30.22 -9.62
C ALA A 371 2.94 -30.63 -10.62
N LEU A 372 2.09 -31.59 -10.24
CA LEU A 372 1.01 -32.05 -11.15
C LEU A 372 -0.23 -31.16 -11.02
N ALA A 373 -0.98 -31.03 -12.11
CA ALA A 373 -2.21 -30.27 -12.08
C ALA A 373 -3.20 -30.95 -11.15
N PRO A 374 -3.76 -30.19 -10.20
CA PRO A 374 -4.87 -30.72 -9.41
C PRO A 374 -6.07 -31.10 -10.28
N THR A 375 -6.78 -32.16 -9.88
CA THR A 375 -8.03 -32.56 -10.56
C THR A 375 -9.29 -32.23 -9.74
N ARG A 376 -9.13 -32.09 -8.42
CA ARG A 376 -10.27 -31.73 -7.54
C ARG A 376 -10.90 -30.39 -7.91
N PRO A 377 -12.22 -30.22 -7.61
CA PRO A 377 -12.87 -28.93 -7.90
C PRO A 377 -12.42 -27.81 -6.98
N GLY A 378 -12.45 -26.58 -7.47
CA GLY A 378 -12.13 -25.41 -6.64
C GLY A 378 -10.64 -25.21 -6.38
N LEU A 379 -10.32 -24.56 -5.25
CA LEU A 379 -8.93 -24.47 -4.81
C LEU A 379 -8.28 -25.86 -4.69
N GLY A 380 -9.06 -26.86 -4.24
CA GLY A 380 -8.54 -28.21 -4.11
C GLY A 380 -7.93 -28.55 -2.76
N THR A 381 -8.06 -27.62 -1.82
CA THR A 381 -7.69 -27.83 -0.43
C THR A 381 -8.64 -27.02 0.49
N ALA A 382 -8.88 -27.53 1.69
CA ALA A 382 -9.72 -26.83 2.67
C ALA A 382 -9.15 -27.05 4.05
N LEU A 383 -9.45 -26.13 4.96
CA LEU A 383 -9.03 -26.27 6.35
C LEU A 383 -9.57 -27.57 6.98
N LEU A 384 -8.76 -28.20 7.81
CA LEU A 384 -9.20 -29.40 8.52
C LEU A 384 -10.14 -28.98 9.65
N PRO A 385 -11.14 -29.84 9.99
CA PRO A 385 -12.21 -29.46 10.93
C PRO A 385 -11.72 -28.96 12.31
N HIS A 386 -10.57 -29.47 12.75
CA HIS A 386 -10.03 -29.13 14.07
C HIS A 386 -9.36 -27.75 14.15
N VAL A 387 -9.16 -27.08 13.01
CA VAL A 387 -8.39 -25.83 12.98
C VAL A 387 -9.06 -24.70 13.78
N ARG A 388 -10.37 -24.54 13.61
CA ARG A 388 -11.17 -23.58 14.39
C ARG A 388 -11.03 -23.75 15.90
N LYS A 389 -10.73 -24.98 16.35
CA LYS A 389 -10.67 -25.31 17.77
C LYS A 389 -9.25 -25.30 18.35
N ILE A 390 -8.23 -25.07 17.53
CA ILE A 390 -6.85 -25.07 18.02
C ILE A 390 -6.78 -24.11 19.21
N ALA A 391 -5.95 -24.44 20.21
CA ALA A 391 -5.79 -23.63 21.40
C ALA A 391 -5.31 -22.19 21.08
N GLY A 392 -6.10 -21.21 21.49
CA GLY A 392 -5.71 -19.81 21.34
C GLY A 392 -6.03 -19.23 19.97
N ALA A 393 -6.69 -20.02 19.13
CA ALA A 393 -7.17 -19.55 17.83
C ALA A 393 -8.07 -18.34 18.04
N VAL A 394 -7.75 -17.26 17.33
CA VAL A 394 -8.63 -16.13 17.25
C VAL A 394 -9.51 -16.29 16.00
N VAL A 395 -10.80 -16.54 16.26
CA VAL A 395 -11.81 -16.70 15.22
C VAL A 395 -12.79 -15.53 15.29
N ARG A 396 -12.83 -14.72 14.23
CA ARG A 396 -13.74 -13.58 14.15
C ARG A 396 -14.69 -13.77 12.99
N GLU A 397 -15.96 -13.41 13.18
CA GLU A 397 -16.98 -13.58 12.12
C GLU A 397 -17.83 -12.35 11.89
N SER A 398 -18.19 -12.12 10.62
CA SER A 398 -19.13 -11.09 10.20
C SER A 398 -20.25 -11.73 9.39
N GLY A 399 -21.44 -11.11 9.39
CA GLY A 399 -22.63 -11.67 8.73
C GLY A 399 -23.25 -12.82 9.49
N LYS A 400 -23.79 -13.80 8.76
CA LYS A 400 -24.52 -14.90 9.37
C LYS A 400 -23.85 -16.23 9.11
N PRO A 401 -22.87 -16.61 9.95
CA PRO A 401 -22.26 -17.95 9.80
C PRO A 401 -23.31 -19.03 9.93
N ARG A 402 -23.28 -20.05 9.07
CA ARG A 402 -24.13 -21.21 9.27
C ARG A 402 -23.44 -22.19 10.22
N LEU B 3 19.55 9.94 23.61
CA LEU B 3 19.15 10.72 24.84
C LEU B 3 17.79 10.23 25.39
N PRO B 4 16.68 11.02 25.25
CA PRO B 4 15.38 10.46 25.62
C PRO B 4 14.85 9.39 24.66
N ARG B 5 14.48 8.24 25.23
CA ARG B 5 14.02 7.10 24.47
C ARG B 5 12.50 6.97 24.50
N ILE B 6 11.95 6.32 23.46
CA ILE B 6 10.51 6.03 23.38
C ILE B 6 10.11 4.96 24.39
N THR B 7 9.03 5.24 25.10
CA THR B 7 8.68 4.58 26.35
C THR B 7 7.36 3.83 26.28
N ALA B 8 6.41 4.42 25.58
CA ALA B 8 5.11 3.80 25.38
C ALA B 8 4.45 4.33 24.10
N LEU B 9 3.50 3.55 23.58
CA LEU B 9 2.71 3.96 22.45
C LEU B 9 1.26 3.73 22.78
N ARG B 10 0.44 4.75 22.60
CA ARG B 10 -0.97 4.63 22.91
C ARG B 10 -1.80 5.09 21.72
N THR B 11 -2.86 4.34 21.42
CA THR B 11 -3.87 4.71 20.44
C THR B 11 -5.23 4.94 21.08
N ILE B 12 -5.97 5.89 20.51
CA ILE B 12 -7.34 6.21 20.91
C ILE B 12 -8.29 6.22 19.70
N ARG B 13 -9.36 5.45 19.78
CA ARG B 13 -10.44 5.54 18.79
C ARG B 13 -11.74 5.91 19.52
N LEU B 14 -12.57 6.70 18.86
CA LEU B 14 -13.86 7.16 19.42
C LEU B 14 -14.99 6.70 18.53
N PRO B 15 -16.01 6.02 19.10
CA PRO B 15 -17.07 5.45 18.25
C PRO B 15 -17.79 6.53 17.42
N GLU B 16 -17.87 7.74 17.97
CA GLU B 16 -18.45 8.90 17.30
C GLU B 16 -17.72 9.25 15.99
N ARG B 17 -16.41 9.01 15.95
CA ARG B 17 -15.60 9.28 14.75
C ARG B 17 -14.88 8.01 14.29
N PRO B 18 -15.59 7.10 13.60
CA PRO B 18 -14.98 5.78 13.36
C PRO B 18 -13.78 5.80 12.40
N LYS B 19 -13.66 6.85 11.58
CA LYS B 19 -12.56 6.94 10.63
C LYS B 19 -11.25 7.40 11.27
N LEU B 20 -11.32 8.00 12.46
CA LEU B 20 -10.13 8.59 13.06
C LEU B 20 -9.39 7.68 14.03
N ILE B 21 -8.10 7.97 14.21
CA ILE B 21 -7.30 7.36 15.26
C ILE B 21 -6.22 8.35 15.70
N TRP B 22 -5.98 8.41 17.01
CA TRP B 22 -4.93 9.27 17.57
C TRP B 22 -3.86 8.39 18.14
N VAL B 23 -2.62 8.81 17.97
CA VAL B 23 -1.50 8.09 18.54
C VAL B 23 -0.71 9.03 19.41
N GLU B 24 -0.41 8.57 20.63
CA GLU B 24 0.43 9.30 21.56
C GLU B 24 1.67 8.47 21.86
N VAL B 25 2.83 9.11 21.76
CA VAL B 25 4.10 8.49 21.99
C VAL B 25 4.71 9.13 23.22
N GLU B 26 5.06 8.30 24.20
CA GLU B 26 5.65 8.82 25.42
C GLU B 26 7.15 8.62 25.34
N THR B 27 7.91 9.66 25.71
CA THR B 27 9.34 9.51 25.95
C THR B 27 9.70 9.59 27.45
N GLU B 28 10.87 9.09 27.82
CA GLU B 28 11.24 8.92 29.24
C GLU B 28 11.40 10.23 30.00
N ASP B 29 11.52 11.33 29.25
CA ASP B 29 11.62 12.67 29.83
C ASP B 29 10.27 13.24 30.29
N GLY B 30 9.21 12.44 30.29
CA GLY B 30 7.90 12.94 30.72
C GLY B 30 7.00 13.54 29.65
N LEU B 31 7.54 13.77 28.45
CA LEU B 31 6.75 14.41 27.41
C LEU B 31 5.93 13.37 26.64
N THR B 32 4.88 13.82 25.96
CA THR B 32 4.16 12.93 25.05
C THR B 32 3.82 13.62 23.73
N GLY B 33 4.09 12.93 22.62
CA GLY B 33 3.86 13.46 21.27
C GLY B 33 2.54 13.01 20.70
N LEU B 34 1.88 13.87 19.93
CA LEU B 34 0.61 13.49 19.33
C LEU B 34 0.65 13.35 17.80
N GLY B 35 0.08 12.26 17.32
CA GLY B 35 -0.12 12.04 15.88
C GLY B 35 -1.52 11.52 15.64
N GLU B 36 -1.85 11.34 14.38
CA GLU B 36 -3.21 11.05 13.97
C GLU B 36 -3.16 10.50 12.55
N THR B 37 -4.19 9.72 12.20
CA THR B 37 -4.44 9.37 10.82
C THR B 37 -5.91 8.99 10.61
N PHE B 38 -6.29 8.74 9.37
CA PHE B 38 -7.68 8.71 8.95
C PHE B 38 -7.94 7.56 7.97
N ARG B 39 -9.07 6.87 8.13
CA ARG B 39 -9.48 5.65 7.37
C ARG B 39 -8.84 4.41 7.95
N GLY B 40 -9.59 3.32 7.90
CA GLY B 40 -9.13 1.98 8.30
C GLY B 40 -8.49 2.03 9.66
N ALA B 41 -9.18 2.70 10.59
CA ALA B 41 -8.65 3.00 11.91
C ALA B 41 -8.28 1.76 12.72
N GLN B 42 -9.05 0.68 12.60
CA GLN B 42 -8.73 -0.57 13.31
C GLN B 42 -7.46 -1.22 12.77
N ALA B 43 -7.33 -1.25 11.45
CA ALA B 43 -6.13 -1.79 10.79
C ALA B 43 -4.90 -1.01 11.23
N VAL B 44 -5.02 0.31 11.29
CA VAL B 44 -3.91 1.16 11.71
C VAL B 44 -3.57 0.88 13.18
N GLU B 45 -4.58 0.73 14.03
CA GLU B 45 -4.40 0.38 15.44
C GLU B 45 -3.64 -0.92 15.53
N ALA B 46 -4.04 -1.90 14.73
CA ALA B 46 -3.38 -3.21 14.71
C ALA B 46 -1.92 -3.08 14.25
N VAL B 47 -1.67 -2.26 13.22
CA VAL B 47 -0.29 -2.05 12.78
C VAL B 47 0.54 -1.45 13.92
N LEU B 48 0.04 -0.37 14.52
CA LEU B 48 0.77 0.35 15.57
C LEU B 48 1.15 -0.49 16.77
N HIS B 49 0.27 -1.40 17.19
CA HIS B 49 0.59 -2.24 18.36
C HIS B 49 1.31 -3.55 18.03
N GLU B 50 0.89 -4.19 16.93
CA GLU B 50 1.47 -5.49 16.51
C GLU B 50 2.90 -5.31 15.97
N GLN B 51 3.09 -4.28 15.13
CA GLN B 51 4.36 -4.12 14.40
C GLN B 51 5.15 -2.85 14.65
N THR B 52 4.50 -1.72 14.83
CA THR B 52 5.25 -0.47 15.06
C THR B 52 5.87 -0.37 16.48
N ALA B 53 5.11 -0.74 17.51
CA ALA B 53 5.58 -0.58 18.88
C ALA B 53 6.85 -1.40 19.20
N PRO B 54 6.89 -2.71 18.84
CA PRO B 54 8.14 -3.46 19.03
C PRO B 54 9.35 -2.82 18.32
N ALA B 55 9.11 -2.22 17.17
CA ALA B 55 10.15 -1.61 16.38
C ALA B 55 10.66 -0.28 16.95
N ILE B 56 9.83 0.44 17.70
CA ILE B 56 10.23 1.78 18.10
C ILE B 56 10.47 1.99 19.60
N ILE B 57 9.87 1.15 20.45
CA ILE B 57 10.03 1.30 21.89
C ILE B 57 11.47 0.96 22.28
N GLY B 58 12.11 1.84 23.05
CA GLY B 58 13.55 1.73 23.36
C GLY B 58 14.47 2.53 22.44
N ARG B 59 13.93 2.99 21.31
CA ARG B 59 14.71 3.80 20.38
C ARG B 59 14.77 5.23 20.89
N ALA B 60 15.89 5.90 20.64
CA ALA B 60 16.03 7.31 20.93
C ALA B 60 15.05 8.04 20.03
N ALA B 61 14.30 8.98 20.59
CA ALA B 61 13.21 9.61 19.84
C ALA B 61 13.75 10.64 18.86
N GLU B 62 14.95 11.13 19.13
CA GLU B 62 15.54 12.16 18.30
C GLU B 62 15.87 11.68 16.87
N ASN B 63 15.93 10.38 16.66
CA ASN B 63 16.28 9.90 15.33
C ASN B 63 15.02 9.73 14.45
N ILE B 64 14.37 10.86 14.20
CA ILE B 64 13.07 10.87 13.59
C ILE B 64 13.15 10.33 12.15
N THR B 65 14.07 10.91 11.36
CA THR B 65 14.18 10.59 9.94
C THR B 65 14.53 9.10 9.75
N SER B 66 15.41 8.58 10.60
CA SER B 66 15.79 7.18 10.55
C SER B 66 14.62 6.27 10.93
N ILE B 67 13.86 6.63 11.94
CA ILE B 67 12.66 5.86 12.31
C ILE B 67 11.66 5.89 11.15
N SER B 68 11.48 7.06 10.54
CA SER B 68 10.58 7.19 9.39
C SER B 68 11.00 6.24 8.27
N SER B 69 12.27 6.30 7.87
CA SER B 69 12.83 5.37 6.84
C SER B 69 12.48 3.92 7.10
N GLU B 70 12.58 3.47 8.34
CA GLU B 70 12.29 2.07 8.67
C GLU B 70 10.78 1.81 8.59
N LEU B 71 9.99 2.70 9.21
CA LEU B 71 8.55 2.55 9.22
C LEU B 71 7.90 2.68 7.84
N LEU B 72 8.48 3.50 6.97
CA LEU B 72 7.96 3.69 5.61
C LEU B 72 8.39 2.56 4.68
N ASN B 73 9.19 1.66 5.22
CA ASN B 73 9.84 0.66 4.39
C ASN B 73 9.54 -0.77 4.83
N PRO B 74 8.24 -1.10 5.04
CA PRO B 74 7.98 -2.44 5.50
C PRO B 74 8.13 -3.40 4.30
N TYR B 75 8.24 -4.71 4.58
CA TYR B 75 8.38 -5.68 3.49
C TYR B 75 7.20 -5.63 2.51
N VAL B 76 5.99 -5.47 3.02
CA VAL B 76 4.82 -5.32 2.15
C VAL B 76 4.12 -3.99 2.46
N GLY B 77 3.54 -3.37 1.43
CA GLY B 77 2.71 -2.18 1.64
C GLY B 77 3.41 -0.84 1.58
N PHE B 78 4.67 -0.84 1.18
CA PHE B 78 5.46 0.39 0.98
C PHE B 78 4.98 1.10 -0.29
N GLY B 79 5.28 2.40 -0.39
CA GLY B 79 5.02 3.15 -1.62
C GLY B 79 3.56 3.47 -1.93
N SER B 80 2.73 3.44 -0.89
CA SER B 80 1.31 3.70 -1.01
C SER B 80 0.75 4.18 0.34
N SER B 81 -0.45 4.75 0.34
CA SER B 81 -1.07 5.22 1.60
C SER B 81 -1.76 4.09 2.38
N SER B 82 -1.04 2.99 2.55
CA SER B 82 -1.51 1.75 3.20
C SER B 82 -1.74 1.91 4.70
N ALA B 83 -2.43 0.95 5.32
CA ALA B 83 -2.58 0.97 6.78
C ALA B 83 -1.20 1.06 7.42
N GLU B 84 -0.24 0.35 6.83
CA GLU B 84 1.16 0.37 7.28
C GLU B 84 1.77 1.77 7.23
N VAL B 85 1.50 2.50 6.15
CA VAL B 85 2.10 3.82 5.95
C VAL B 85 1.32 4.95 6.68
N ARG B 86 0.01 4.81 6.83
CA ARG B 86 -0.75 5.73 7.70
C ARG B 86 -0.28 5.66 9.18
N ALA B 87 -0.04 4.44 9.67
CA ALA B 87 0.57 4.22 10.98
C ALA B 87 1.91 4.93 11.10
N ALA B 88 2.76 4.76 10.10
CA ALA B 88 4.06 5.42 10.09
C ALA B 88 3.94 6.96 10.11
N SER B 89 2.94 7.46 9.38
CA SER B 89 2.71 8.88 9.27
C SER B 89 2.29 9.45 10.62
N ALA B 90 1.35 8.76 11.25
CA ALA B 90 0.90 9.13 12.57
C ALA B 90 2.08 9.23 13.55
N VAL B 91 2.94 8.20 13.55
CA VAL B 91 4.05 8.18 14.51
C VAL B 91 5.01 9.31 14.21
N ASP B 92 5.27 9.56 12.93
CA ASP B 92 6.28 10.57 12.55
C ASP B 92 5.87 11.97 13.02
N ILE B 93 4.57 12.27 12.92
CA ILE B 93 4.01 13.55 13.43
C ILE B 93 4.22 13.70 14.96
N ALA B 94 3.93 12.63 15.70
CA ALA B 94 4.16 12.61 17.14
C ALA B 94 5.63 12.85 17.48
N LEU B 95 6.53 12.29 16.66
CA LEU B 95 7.96 12.43 16.90
C LEU B 95 8.44 13.85 16.60
N TRP B 96 7.91 14.47 15.53
CA TRP B 96 8.28 15.87 15.25
C TRP B 96 7.70 16.79 16.32
N ASP B 97 6.47 16.50 16.73
CA ASP B 97 5.84 17.19 17.87
C ASP B 97 6.82 17.20 19.05
N LEU B 98 7.30 16.00 19.42
CA LEU B 98 8.30 15.87 20.50
C LEU B 98 9.62 16.63 20.29
N ALA B 99 10.11 16.68 19.06
CA ALA B 99 11.33 17.45 18.78
C ALA B 99 11.11 18.96 19.01
N GLY B 100 9.94 19.47 18.60
CA GLY B 100 9.54 20.84 18.91
C GLY B 100 9.41 21.11 20.41
N GLN B 101 8.78 20.19 21.14
CA GLN B 101 8.67 20.33 22.60
C GLN B 101 10.06 20.42 23.25
N ARG B 102 10.92 19.43 22.94
CA ARG B 102 12.29 19.38 23.49
C ARG B 102 13.09 20.64 23.20
N ALA B 103 12.99 21.15 21.98
CA ALA B 103 13.74 22.34 21.55
C ALA B 103 13.02 23.66 21.91
N GLY B 104 11.77 23.57 22.35
CA GLY B 104 11.00 24.75 22.71
C GLY B 104 10.75 25.68 21.52
N VAL B 105 10.45 25.09 20.36
CA VAL B 105 10.12 25.86 19.16
C VAL B 105 8.91 25.23 18.45
N PRO B 106 8.17 26.02 17.66
CA PRO B 106 7.10 25.43 16.84
C PRO B 106 7.63 24.37 15.86
N LEU B 107 6.79 23.38 15.57
CA LEU B 107 7.18 22.27 14.72
C LEU B 107 7.81 22.70 13.35
N HIS B 108 7.25 23.72 12.69
CA HIS B 108 7.83 24.20 11.42
C HIS B 108 9.24 24.77 11.60
N VAL B 109 9.54 25.33 12.77
CA VAL B 109 10.88 25.82 13.06
C VAL B 109 11.83 24.64 13.27
N ALA B 110 11.36 23.60 13.96
CA ALA B 110 12.17 22.40 14.16
C ALA B 110 12.53 21.79 12.79
N LEU B 111 11.63 21.92 11.82
CA LEU B 111 11.86 21.37 10.47
C LEU B 111 13.00 22.07 9.76
N GLY B 112 13.27 23.32 10.16
CA GLY B 112 14.29 24.13 9.53
C GLY B 112 13.95 25.60 9.43
N GLY B 113 12.68 25.93 9.71
CA GLY B 113 12.25 27.31 9.88
C GLY B 113 11.01 27.66 9.08
N ALA B 114 10.48 28.87 9.30
CA ALA B 114 9.33 29.36 8.52
C ALA B 114 9.79 29.93 7.21
N ALA B 115 9.06 29.66 6.14
CA ALA B 115 9.31 30.32 4.85
C ALA B 115 8.37 31.53 4.73
N ARG B 116 7.40 31.61 5.64
CA ARG B 116 6.36 32.63 5.67
C ARG B 116 5.76 32.62 7.08
N ASP B 117 5.24 33.76 7.52
CA ASP B 117 4.64 33.83 8.84
C ASP B 117 3.13 33.53 8.80
N ARG B 118 2.55 33.38 7.60
CA ARG B 118 1.12 33.11 7.43
C ARG B 118 0.84 32.56 6.02
N VAL B 119 -0.28 31.84 5.88
CA VAL B 119 -0.59 31.20 4.60
C VAL B 119 -2.08 31.32 4.35
N PRO B 120 -2.46 31.73 3.11
CA PRO B 120 -3.88 31.75 2.72
C PRO B 120 -4.52 30.39 2.92
N VAL B 121 -5.79 30.38 3.30
CA VAL B 121 -6.51 29.14 3.42
C VAL B 121 -7.63 29.12 2.40
N TYR B 122 -8.06 27.91 2.04
CA TYR B 122 -9.23 27.76 1.20
C TYR B 122 -10.22 26.87 1.91
N ALA B 123 -11.49 27.11 1.61
CA ALA B 123 -12.60 26.50 2.34
C ALA B 123 -13.10 25.23 1.63
N THR B 124 -13.37 24.20 2.42
CA THR B 124 -13.89 22.93 1.90
C THR B 124 -14.93 22.36 2.87
N PHE B 156 -23.08 23.06 -1.70
CA PHE B 156 -22.78 23.73 -2.97
C PHE B 156 -23.72 23.30 -4.12
N MET B 157 -24.34 22.13 -3.95
CA MET B 157 -25.30 21.59 -4.95
C MET B 157 -26.55 22.48 -5.09
N ARG B 158 -26.93 23.12 -3.97
CA ARG B 158 -28.08 24.03 -3.90
C ARG B 158 -27.84 25.32 -4.70
N ASP B 159 -27.12 26.26 -4.08
CA ASP B 159 -26.75 27.52 -4.73
C ASP B 159 -25.31 27.89 -4.33
N ALA B 160 -24.39 27.56 -5.23
CA ALA B 160 -22.98 27.78 -5.00
C ALA B 160 -22.61 29.25 -5.00
N GLY B 161 -23.39 30.05 -5.73
CA GLY B 161 -23.16 31.50 -5.82
C GLY B 161 -23.36 32.18 -4.49
N VAL B 162 -24.38 31.74 -3.76
CA VAL B 162 -24.66 32.23 -2.42
C VAL B 162 -23.51 31.87 -1.46
N LEU B 163 -23.10 30.61 -1.50
CA LEU B 163 -21.93 30.12 -0.76
C LEU B 163 -20.66 30.92 -1.07
N ALA B 164 -20.46 31.20 -2.36
CA ALA B 164 -19.35 32.02 -2.81
C ALA B 164 -19.37 33.41 -2.18
N GLU B 165 -20.58 33.94 -1.97
CA GLU B 165 -20.72 35.30 -1.43
C GLU B 165 -20.25 35.37 0.02
N SER B 166 -20.66 34.39 0.82
CA SER B 166 -20.27 34.38 2.24
C SER B 166 -18.77 34.13 2.42
N LEU B 167 -18.20 33.25 1.59
CA LEU B 167 -16.79 32.92 1.65
C LEU B 167 -15.92 34.11 1.26
N VAL B 168 -16.32 34.82 0.20
CA VAL B 168 -15.67 36.07 -0.21
C VAL B 168 -15.75 37.08 0.92
N ALA B 169 -16.96 37.25 1.48
CA ALA B 169 -17.18 38.17 2.60
C ALA B 169 -16.27 37.84 3.79
N GLU B 170 -16.19 36.56 4.14
CA GLU B 170 -15.27 36.10 5.20
C GLU B 170 -13.78 36.22 4.85
N GLY B 171 -13.46 36.54 3.60
CA GLY B 171 -12.08 36.77 3.16
C GLY B 171 -11.31 35.59 2.57
N TYR B 172 -12.03 34.50 2.27
CA TYR B 172 -11.46 33.32 1.63
C TYR B 172 -11.06 33.60 0.20
N ALA B 173 -9.80 33.31 -0.12
CA ALA B 173 -9.31 33.55 -1.47
C ALA B 173 -9.78 32.45 -2.44
N ALA B 174 -10.00 31.24 -1.95
CA ALA B 174 -10.42 30.14 -2.82
C ALA B 174 -11.49 29.25 -2.17
N MET B 175 -12.19 28.47 -3.00
CA MET B 175 -13.17 27.50 -2.51
C MET B 175 -13.08 26.23 -3.35
N LYS B 176 -13.35 25.07 -2.75
CA LYS B 176 -13.35 23.82 -3.49
C LYS B 176 -14.71 23.10 -3.48
N ILE B 177 -15.19 22.66 -4.63
CA ILE B 177 -16.44 21.92 -4.72
C ILE B 177 -16.32 20.64 -5.58
N TRP B 178 -17.18 19.66 -5.32
CA TRP B 178 -17.11 18.40 -6.03
C TRP B 178 -18.46 17.92 -6.55
N PRO B 179 -19.05 18.65 -7.52
CA PRO B 179 -20.44 18.39 -7.92
C PRO B 179 -20.60 17.28 -8.95
N PHE B 180 -19.51 16.66 -9.35
CA PHE B 180 -19.54 15.61 -10.37
C PHE B 180 -19.53 14.22 -9.75
N ASP B 181 -19.34 14.14 -8.44
CA ASP B 181 -19.13 12.86 -7.76
C ASP B 181 -20.22 11.85 -7.98
N ASP B 182 -21.47 12.27 -7.81
CA ASP B 182 -22.61 11.37 -7.92
C ASP B 182 -22.71 10.71 -9.27
N PHE B 183 -22.29 11.40 -10.31
CA PHE B 183 -22.37 10.85 -11.67
C PHE B 183 -21.47 9.64 -11.88
N ALA B 184 -20.35 9.57 -11.16
CA ALA B 184 -19.44 8.42 -11.27
C ALA B 184 -20.03 7.11 -10.75
N SER B 185 -21.10 7.19 -9.97
CA SER B 185 -21.75 5.96 -9.49
C SER B 185 -22.62 5.30 -10.57
N ILE B 186 -23.10 6.06 -11.54
CA ILE B 186 -23.69 5.47 -12.75
C ILE B 186 -22.62 4.66 -13.48
N THR B 187 -21.54 5.33 -13.85
CA THR B 187 -20.35 4.70 -14.41
C THR B 187 -19.17 5.67 -14.33
N PRO B 188 -18.00 5.18 -13.91
CA PRO B 188 -16.84 6.08 -13.86
C PRO B 188 -16.16 6.31 -15.23
N HIS B 189 -16.60 5.61 -16.27
CA HIS B 189 -15.87 5.66 -17.54
C HIS B 189 -16.53 6.52 -18.63
N HIS B 190 -17.67 7.09 -18.29
CA HIS B 190 -18.42 7.99 -19.15
C HIS B 190 -19.33 8.94 -18.32
N ILE B 191 -19.50 10.16 -18.83
CA ILE B 191 -20.44 11.12 -18.26
C ILE B 191 -21.26 11.74 -19.39
N SER B 192 -22.59 11.65 -19.26
CA SER B 192 -23.52 12.16 -20.28
C SER B 192 -23.41 13.66 -20.42
N LEU B 193 -23.69 14.16 -21.62
CA LEU B 193 -23.67 15.61 -21.88
C LEU B 193 -24.66 16.34 -20.99
N THR B 194 -25.75 15.65 -20.65
CA THR B 194 -26.78 16.21 -19.78
C THR B 194 -26.33 16.22 -18.30
N ASP B 195 -25.67 15.14 -17.87
CA ASP B 195 -25.08 15.10 -16.53
C ASP B 195 -23.89 16.06 -16.38
N LEU B 196 -23.09 16.21 -17.43
CA LEU B 196 -22.02 17.20 -17.47
C LEU B 196 -22.56 18.60 -17.20
N LYS B 197 -23.60 18.99 -17.94
CA LYS B 197 -24.27 20.28 -17.80
C LYS B 197 -24.76 20.59 -16.38
N ASP B 198 -25.37 19.61 -15.71
CA ASP B 198 -25.77 19.77 -14.30
C ASP B 198 -24.57 20.01 -13.40
N GLY B 199 -23.49 19.27 -13.64
CA GLY B 199 -22.28 19.41 -12.86
C GLY B 199 -21.65 20.78 -12.96
N LEU B 200 -21.81 21.42 -14.12
CA LEU B 200 -21.24 22.75 -14.39
C LEU B 200 -22.01 23.94 -13.79
N GLU B 201 -23.30 23.74 -13.51
CA GLU B 201 -24.15 24.79 -12.91
C GLU B 201 -23.52 25.53 -11.73
N PRO B 202 -23.03 24.79 -10.71
CA PRO B 202 -22.37 25.48 -9.58
C PRO B 202 -21.24 26.44 -9.98
N PHE B 203 -20.49 26.11 -11.03
CA PHE B 203 -19.44 26.99 -11.50
C PHE B 203 -20.02 28.24 -12.18
N ARG B 204 -21.11 28.07 -12.93
CA ARG B 204 -21.81 29.19 -13.57
C ARG B 204 -22.39 30.15 -12.50
N LYS B 205 -22.96 29.55 -11.45
CA LYS B 205 -23.54 30.30 -10.36
C LYS B 205 -22.50 31.09 -9.61
N ILE B 206 -21.37 30.46 -9.30
CA ILE B 206 -20.27 31.16 -8.64
C ILE B 206 -19.82 32.38 -9.45
N ARG B 207 -19.55 32.18 -10.75
CA ARG B 207 -19.02 33.29 -11.57
C ARG B 207 -20.04 34.40 -11.80
N ALA B 208 -21.32 34.02 -11.84
CA ALA B 208 -22.40 35.00 -12.01
C ALA B 208 -22.49 35.84 -10.73
N ALA B 209 -22.36 35.17 -9.58
CA ALA B 209 -22.52 35.83 -8.30
C ALA B 209 -21.29 36.61 -7.83
N VAL B 210 -20.08 36.11 -8.12
CA VAL B 210 -18.88 36.80 -7.60
C VAL B 210 -17.77 37.08 -8.60
N GLY B 211 -18.01 36.83 -9.89
CA GLY B 211 -16.96 36.97 -10.90
C GLY B 211 -15.63 36.35 -10.47
N GLN B 212 -14.58 37.15 -10.58
CA GLN B 212 -13.21 36.74 -10.31
C GLN B 212 -12.77 36.96 -8.87
N ARG B 213 -13.73 37.15 -7.96
CA ARG B 213 -13.41 37.55 -6.58
C ARG B 213 -12.98 36.36 -5.71
N ILE B 214 -13.22 35.15 -6.19
CA ILE B 214 -12.75 33.95 -5.52
C ILE B 214 -12.21 32.95 -6.55
N GLU B 215 -11.20 32.18 -6.17
CA GLU B 215 -10.73 31.06 -6.99
C GLU B 215 -11.65 29.87 -6.85
N ILE B 216 -11.84 29.12 -7.92
CA ILE B 216 -12.52 27.82 -7.81
C ILE B 216 -11.60 26.62 -8.12
N MET B 217 -11.76 25.60 -7.30
CA MET B 217 -11.13 24.31 -7.50
C MET B 217 -12.23 23.29 -7.67
N CYS B 218 -12.05 22.45 -8.69
CA CYS B 218 -12.93 21.35 -8.91
C CYS B 218 -12.26 20.08 -8.38
N GLU B 219 -12.94 19.39 -7.48
CA GLU B 219 -12.46 18.15 -6.91
C GLU B 219 -13.13 16.96 -7.59
N LEU B 220 -12.33 16.10 -8.21
CA LEU B 220 -12.88 14.93 -8.90
C LEU B 220 -12.75 13.62 -8.11
N HIS B 221 -12.09 13.68 -6.96
CA HIS B 221 -12.00 12.57 -5.99
C HIS B 221 -11.46 11.24 -6.53
N SER B 222 -10.68 11.30 -7.62
CA SER B 222 -10.09 10.11 -8.22
C SER B 222 -11.15 9.18 -8.76
N LEU B 223 -12.26 9.73 -9.25
CA LEU B 223 -13.39 8.89 -9.60
C LEU B 223 -13.49 8.47 -11.05
N TRP B 224 -12.76 9.14 -11.93
CA TRP B 224 -13.05 9.00 -13.36
C TRP B 224 -11.98 8.33 -14.21
N GLY B 225 -12.43 7.65 -15.25
CA GLY B 225 -11.55 7.26 -16.32
C GLY B 225 -11.13 8.44 -17.19
N THR B 226 -10.27 8.15 -18.16
CA THR B 226 -9.59 9.16 -18.97
C THR B 226 -10.52 10.02 -19.81
N HIS B 227 -11.55 9.41 -20.38
CA HIS B 227 -12.43 10.11 -21.27
C HIS B 227 -13.34 11.08 -20.48
N ALA B 228 -13.98 10.57 -19.43
CA ALA B 228 -14.82 11.38 -18.57
C ALA B 228 -14.02 12.52 -17.98
N ALA B 229 -12.80 12.22 -17.51
CA ALA B 229 -11.94 13.24 -16.91
C ALA B 229 -11.65 14.36 -17.92
N ALA B 230 -11.30 13.98 -19.14
CA ALA B 230 -10.99 14.96 -20.18
C ALA B 230 -12.21 15.76 -20.60
N ARG B 231 -13.39 15.14 -20.50
CA ARG B 231 -14.62 15.80 -20.91
C ARG B 231 -14.92 16.90 -19.90
N ILE B 232 -14.93 16.53 -18.63
CA ILE B 232 -15.07 17.48 -17.52
C ILE B 232 -14.02 18.59 -17.59
N CYS B 233 -12.75 18.22 -17.74
CA CYS B 233 -11.67 19.22 -17.79
C CYS B 233 -11.85 20.23 -18.89
N ASN B 234 -12.13 19.77 -20.11
CA ASN B 234 -12.42 20.69 -21.21
C ASN B 234 -13.61 21.64 -20.96
N ALA B 235 -14.70 21.10 -20.40
CA ALA B 235 -15.93 21.87 -20.16
C ALA B 235 -15.74 22.92 -19.08
N LEU B 236 -14.73 22.74 -18.23
CA LEU B 236 -14.44 23.66 -17.16
C LEU B 236 -13.64 24.88 -17.60
N ALA B 237 -13.17 24.90 -18.85
CA ALA B 237 -12.28 25.96 -19.31
C ALA B 237 -12.87 27.37 -19.09
N ASP B 238 -14.13 27.55 -19.49
CA ASP B 238 -14.80 28.85 -19.42
C ASP B 238 -14.91 29.40 -18.02
N TYR B 239 -14.89 28.51 -17.03
CA TYR B 239 -15.07 28.92 -15.64
C TYR B 239 -13.77 29.30 -14.94
N GLY B 240 -12.65 29.17 -15.65
CA GLY B 240 -11.31 29.53 -15.16
C GLY B 240 -10.93 28.96 -13.81
N VAL B 241 -11.14 27.65 -13.62
CA VAL B 241 -10.79 27.03 -12.33
C VAL B 241 -9.29 27.13 -12.02
N LEU B 242 -8.95 27.13 -10.73
CA LEU B 242 -7.55 27.23 -10.32
C LEU B 242 -6.88 25.89 -10.58
N TRP B 243 -7.52 24.83 -10.08
CA TRP B 243 -7.09 23.48 -10.42
C TRP B 243 -8.23 22.49 -10.47
N VAL B 244 -8.02 21.44 -11.24
CA VAL B 244 -8.82 20.25 -11.15
C VAL B 244 -8.02 19.21 -10.39
N GLU B 245 -8.59 18.75 -9.29
CA GLU B 245 -7.89 17.89 -8.37
C GLU B 245 -8.27 16.41 -8.58
N ASP B 246 -7.25 15.55 -8.62
CA ASP B 246 -7.41 14.08 -8.68
C ASP B 246 -8.43 13.60 -9.73
N PRO B 247 -8.22 13.94 -11.01
CA PRO B 247 -9.18 13.63 -12.06
C PRO B 247 -9.31 12.14 -12.41
N ILE B 248 -8.24 11.36 -12.23
CA ILE B 248 -8.18 9.99 -12.68
C ILE B 248 -8.23 8.97 -11.55
N ALA B 249 -9.00 7.90 -11.78
CA ALA B 249 -9.01 6.68 -10.96
C ALA B 249 -7.92 5.65 -11.39
N LYS B 250 -6.83 5.51 -10.65
CA LYS B 250 -6.46 6.34 -9.51
C LYS B 250 -5.16 7.11 -9.86
N MET B 251 -4.69 7.94 -8.94
CA MET B 251 -3.66 8.92 -9.32
C MET B 251 -2.24 8.34 -9.31
N ASP B 252 -2.15 7.03 -9.06
CA ASP B 252 -0.93 6.29 -9.36
C ASP B 252 -0.80 6.11 -10.87
N ASN B 253 -1.86 6.42 -11.64
CA ASN B 253 -1.80 6.30 -13.10
C ASN B 253 -1.21 7.55 -13.74
N ILE B 254 0.11 7.67 -13.59
CA ILE B 254 0.82 8.83 -14.05
C ILE B 254 0.76 9.04 -15.58
N PRO B 255 0.94 7.96 -16.40
CA PRO B 255 0.74 8.19 -17.83
C PRO B 255 -0.66 8.71 -18.22
N ALA B 256 -1.71 8.26 -17.54
CA ALA B 256 -3.07 8.71 -17.87
C ALA B 256 -3.25 10.20 -17.52
N VAL B 257 -2.77 10.59 -16.34
CA VAL B 257 -2.82 11.98 -15.91
C VAL B 257 -1.98 12.88 -16.82
N ALA B 258 -0.78 12.42 -17.21
CA ALA B 258 0.08 13.23 -18.09
C ALA B 258 -0.54 13.49 -19.47
N ASP B 259 -1.20 12.48 -20.01
CA ASP B 259 -1.86 12.61 -21.30
C ASP B 259 -3.05 13.58 -21.22
N LEU B 260 -3.80 13.50 -20.12
CA LEU B 260 -4.93 14.39 -19.86
C LEU B 260 -4.47 15.85 -19.82
N ARG B 261 -3.38 16.06 -19.08
CA ARG B 261 -2.79 17.38 -18.93
C ARG B 261 -2.31 17.94 -20.26
N ARG B 262 -1.61 17.11 -21.02
CA ARG B 262 -1.16 17.43 -22.37
C ARG B 262 -2.32 17.75 -23.33
N GLN B 263 -3.37 16.92 -23.35
CA GLN B 263 -4.44 17.09 -24.33
C GLN B 263 -5.36 18.28 -24.01
N THR B 264 -5.64 18.48 -22.73
CA THR B 264 -6.63 19.48 -22.33
C THR B 264 -5.99 20.79 -21.90
N ARG B 265 -4.70 20.74 -21.51
CA ARG B 265 -3.99 21.91 -20.96
C ARG B 265 -4.63 22.46 -19.68
N ALA B 266 -5.48 21.64 -19.04
CA ALA B 266 -6.14 21.99 -17.78
C ALA B 266 -5.17 21.95 -16.60
N PRO B 267 -5.37 22.85 -15.61
CA PRO B 267 -4.51 22.83 -14.44
C PRO B 267 -4.83 21.62 -13.53
N ILE B 268 -3.84 20.72 -13.37
CA ILE B 268 -4.09 19.51 -12.58
C ILE B 268 -3.42 19.56 -11.20
N CYS B 269 -4.21 19.23 -10.18
CA CYS B 269 -3.69 19.01 -8.83
C CYS B 269 -3.72 17.50 -8.58
N GLY B 270 -2.68 17.00 -7.91
CA GLY B 270 -2.54 15.57 -7.61
C GLY B 270 -1.74 15.31 -6.35
N GLY B 271 -2.04 14.18 -5.69
CA GLY B 271 -1.27 13.77 -4.51
C GLY B 271 -1.95 13.38 -3.21
N GLU B 272 -3.09 14.01 -2.90
CA GLU B 272 -3.84 13.75 -1.65
C GLU B 272 -3.70 12.34 -1.06
N ASN B 273 -3.98 11.32 -1.87
CA ASN B 273 -3.98 9.95 -1.33
C ASN B 273 -2.77 9.11 -1.76
N LEU B 274 -1.67 9.78 -2.07
CA LEU B 274 -0.43 9.14 -2.49
C LEU B 274 0.60 9.23 -1.35
N ALA B 275 1.56 8.33 -1.33
CA ALA B 275 2.52 8.31 -0.24
C ALA B 275 3.90 8.01 -0.80
N GLY B 276 4.91 8.54 -0.10
CA GLY B 276 6.30 8.34 -0.47
C GLY B 276 6.79 9.27 -1.56
N THR B 277 8.05 9.67 -1.45
CA THR B 277 8.68 10.55 -2.45
C THR B 277 8.66 9.98 -3.87
N ARG B 278 8.74 8.65 -3.99
CA ARG B 278 8.78 7.97 -5.29
C ARG B 278 7.63 8.29 -6.25
N ARG B 279 6.38 8.08 -5.82
CA ARG B 279 5.21 8.44 -6.62
C ARG B 279 5.12 9.93 -6.89
N PHE B 280 5.51 10.76 -5.92
CA PHE B 280 5.53 12.21 -6.11
C PHE B 280 6.57 12.64 -7.15
N HIS B 281 7.80 12.15 -6.97
CA HIS B 281 8.91 12.32 -7.94
C HIS B 281 8.53 11.90 -9.36
N GLU B 282 7.93 10.73 -9.50
CA GLU B 282 7.41 10.29 -10.79
C GLU B 282 6.35 11.24 -11.39
N MET B 283 5.36 11.70 -10.60
CA MET B 283 4.31 12.61 -11.12
C MET B 283 4.98 13.88 -11.68
N LEU B 284 5.87 14.44 -10.86
CA LEU B 284 6.51 15.70 -11.15
C LEU B 284 7.38 15.60 -12.39
N CYS B 285 8.10 14.49 -12.53
CA CYS B 285 8.98 14.28 -13.70
C CYS B 285 8.25 14.02 -14.98
N ALA B 286 7.06 13.46 -14.88
CA ALA B 286 6.23 13.21 -16.04
C ALA B 286 5.50 14.49 -16.51
N ASP B 287 5.68 15.59 -15.78
CA ASP B 287 4.89 16.82 -15.99
C ASP B 287 3.39 16.50 -15.99
N ALA B 288 2.97 15.64 -15.06
CA ALA B 288 1.58 15.23 -14.96
C ALA B 288 0.74 16.28 -14.22
N ILE B 289 1.37 17.07 -13.36
CA ILE B 289 0.64 17.99 -12.50
C ILE B 289 1.14 19.45 -12.48
N ASP B 290 0.20 20.34 -12.12
CA ASP B 290 0.47 21.75 -11.93
C ASP B 290 0.62 22.10 -10.46
N PHE B 291 -0.03 21.34 -9.57
CA PHE B 291 0.03 21.59 -8.13
C PHE B 291 0.20 20.28 -7.43
N VAL B 292 1.02 20.29 -6.38
CA VAL B 292 1.23 19.17 -5.47
C VAL B 292 0.33 19.28 -4.23
N MET B 293 -0.49 18.27 -3.99
CA MET B 293 -1.29 18.18 -2.77
C MET B 293 -0.77 16.97 -1.99
N LEU B 294 -0.77 17.05 -0.66
CA LEU B 294 -0.41 15.91 0.16
C LEU B 294 -1.08 15.98 1.54
N ASP B 295 -1.34 14.82 2.09
CA ASP B 295 -1.96 14.72 3.40
C ASP B 295 -0.90 14.14 4.32
N LEU B 296 -0.59 14.86 5.38
CA LEU B 296 0.57 14.54 6.17
C LEU B 296 0.35 13.30 7.00
N THR B 297 -0.91 12.87 7.09
CA THR B 297 -1.21 11.67 7.82
C THR B 297 -1.31 10.46 6.89
N TRP B 298 -1.21 10.72 5.59
CA TRP B 298 -1.30 9.66 4.60
C TRP B 298 -0.01 9.47 3.82
N CYS B 299 0.81 10.50 3.74
CA CYS B 299 1.86 10.52 2.74
C CYS B 299 3.17 9.92 3.26
N GLY B 300 3.19 9.62 4.56
CA GLY B 300 4.40 9.15 5.25
C GLY B 300 4.73 9.97 6.48
N GLY B 301 4.18 11.19 6.55
CA GLY B 301 4.34 12.07 7.70
C GLY B 301 5.13 13.31 7.37
N LEU B 302 5.50 14.04 8.43
CA LEU B 302 6.24 15.30 8.25
C LEU B 302 7.62 15.10 7.61
N SER B 303 8.36 14.07 8.02
CA SER B 303 9.69 13.81 7.44
C SER B 303 9.58 13.55 5.94
N GLU B 304 8.60 12.75 5.56
CA GLU B 304 8.37 12.45 4.16
C GLU B 304 7.85 13.67 3.43
N GLY B 305 6.90 14.37 4.05
CA GLY B 305 6.29 15.58 3.47
C GLY B 305 7.28 16.68 3.23
N ARG B 306 8.26 16.81 4.14
CA ARG B 306 9.36 17.75 3.97
C ARG B 306 10.15 17.39 2.68
N LYS B 307 10.46 16.11 2.49
CA LYS B 307 11.13 15.66 1.25
C LYS B 307 10.28 15.93 -0.01
N ILE B 308 8.96 15.77 0.10
CA ILE B 308 8.08 16.06 -1.03
C ILE B 308 8.06 17.56 -1.31
N ALA B 309 8.18 18.37 -0.27
CA ALA B 309 8.22 19.83 -0.42
C ALA B 309 9.48 20.21 -1.18
N ALA B 310 10.60 19.58 -0.84
CA ALA B 310 11.86 19.77 -1.57
C ALA B 310 11.78 19.34 -3.07
N LEU B 311 11.09 18.25 -3.37
CA LEU B 311 10.80 17.89 -4.76
C LEU B 311 9.98 18.96 -5.50
N ALA B 312 8.94 19.46 -4.82
CA ALA B 312 8.09 20.48 -5.38
C ALA B 312 8.94 21.72 -5.66
N GLU B 313 9.77 22.11 -4.70
CA GLU B 313 10.68 23.25 -4.87
C GLU B 313 11.63 23.07 -6.05
N THR B 314 12.22 21.88 -6.22
CA THR B 314 13.14 21.61 -7.32
C THR B 314 12.43 21.77 -8.66
N HIS B 315 11.20 21.29 -8.74
CA HIS B 315 10.40 21.49 -9.95
C HIS B 315 9.72 22.88 -10.07
N ALA B 316 9.82 23.69 -9.01
CA ALA B 316 9.23 25.02 -9.01
C ALA B 316 7.71 25.00 -9.04
N ARG B 317 7.14 23.87 -8.60
CA ARG B 317 5.69 23.63 -8.58
C ARG B 317 5.14 24.02 -7.23
N PRO B 318 3.93 24.60 -7.21
CA PRO B 318 3.26 24.96 -5.95
C PRO B 318 2.65 23.75 -5.23
N LEU B 319 2.41 23.93 -3.94
CA LEU B 319 2.02 22.84 -3.06
C LEU B 319 0.94 23.34 -2.08
N ALA B 320 0.00 22.47 -1.73
CA ALA B 320 -0.99 22.74 -0.68
C ALA B 320 -1.26 21.48 0.16
N PRO B 321 -1.14 21.57 1.49
CA PRO B 321 -1.52 20.39 2.29
C PRO B 321 -3.04 20.19 2.41
N HIS B 322 -3.43 18.92 2.53
CA HIS B 322 -4.81 18.50 2.61
C HIS B 322 -5.33 18.54 4.05
N SIC B 323 -6.57 18.66 4.56
CA SIC B 323 -7.27 18.44 5.81
C2 SIC B 323 -8.59 17.76 5.62
O2 SIC B 323 -8.70 16.72 4.98
C4 SIC B 323 -7.66 19.76 6.48
C5 SIC B 323 -9.13 19.56 6.77
O5 SIC B 323 -9.78 20.36 7.42
N1 SIC B 323 -9.57 18.41 6.27
C3 SIC B 323 -10.93 17.91 6.50
CB SIC B 323 -11.68 17.96 5.17
SG SIC B 323 -12.42 19.62 4.96
C SIC B 323 -11.00 16.53 7.15
O SIC B 323 -11.47 15.57 6.57
N THR B 324 -9.91 16.02 7.74
CA THR B 324 -9.91 14.77 8.49
C THR B 324 -10.02 15.07 9.98
N GLY B 325 -8.90 15.17 10.69
CA GLY B 325 -8.96 15.51 12.11
C GLY B 325 -8.16 16.75 12.39
N PRO B 326 -8.19 17.21 13.66
CA PRO B 326 -7.50 18.44 14.02
C PRO B 326 -5.99 18.31 13.89
N VAL B 327 -5.44 17.11 14.11
CA VAL B 327 -3.98 16.93 14.04
C VAL B 327 -3.47 17.03 12.60
N ALA B 328 -4.16 16.37 11.67
CA ALA B 328 -3.83 16.49 10.25
C ALA B 328 -3.74 17.95 9.84
N LEU B 329 -4.67 18.75 10.36
CA LEU B 329 -4.75 20.16 10.02
C LEU B 329 -3.55 20.90 10.60
N MET B 330 -3.24 20.66 11.87
CA MET B 330 -2.09 21.36 12.47
C MET B 330 -0.74 20.94 11.81
N ALA B 331 -0.60 19.65 11.50
CA ALA B 331 0.59 19.14 10.84
C ALA B 331 0.72 19.75 9.45
N GLY B 332 -0.38 19.76 8.72
CA GLY B 332 -0.43 20.39 7.39
C GLY B 332 0.03 21.84 7.43
N LEU B 333 -0.53 22.62 8.36
CA LEU B 333 -0.22 24.03 8.48
C LEU B 333 1.25 24.25 8.76
N HIS B 334 1.81 23.44 9.66
CA HIS B 334 3.25 23.47 9.88
C HIS B 334 4.06 23.25 8.59
N LEU B 335 3.63 22.30 7.75
CA LEU B 335 4.31 22.07 6.48
C LEU B 335 4.13 23.26 5.53
N ALA B 336 2.92 23.83 5.51
CA ALA B 336 2.57 24.96 4.64
C ALA B 336 3.36 26.22 4.97
N LEU B 337 3.82 26.31 6.21
CA LEU B 337 4.66 27.41 6.64
C LEU B 337 6.14 27.13 6.36
N HIS B 338 6.53 25.87 6.33
CA HIS B 338 7.92 25.51 6.02
C HIS B 338 8.20 25.40 4.50
N ALA B 339 7.27 24.80 3.76
CA ALA B 339 7.50 24.45 2.36
C ALA B 339 7.77 25.69 1.51
N PRO B 340 8.95 25.76 0.87
CA PRO B 340 9.27 26.94 0.03
C PRO B 340 8.15 27.31 -0.93
N THR B 341 7.46 26.33 -1.51
CA THR B 341 6.46 26.64 -2.54
C THR B 341 4.98 26.51 -2.14
N ALA B 342 4.66 26.34 -0.86
CA ALA B 342 3.25 26.25 -0.43
C ALA B 342 2.49 27.55 -0.69
N ILE B 343 1.25 27.41 -1.17
CA ILE B 343 0.41 28.55 -1.49
C ILE B 343 -0.90 28.60 -0.69
N PHE B 344 -1.40 27.43 -0.29
CA PHE B 344 -2.64 27.33 0.44
C PHE B 344 -2.56 26.24 1.50
N GLN B 345 -3.47 26.32 2.47
CA GLN B 345 -3.76 25.25 3.41
C GLN B 345 -5.27 25.03 3.34
N GLU B 346 -5.67 23.77 3.19
CA GLU B 346 -7.09 23.43 3.20
C GLU B 346 -7.57 23.49 4.63
N VAL B 347 -8.63 24.25 4.85
CA VAL B 347 -9.33 24.20 6.12
C VAL B 347 -10.78 23.81 5.91
N VAL B 348 -11.36 23.28 6.96
CA VAL B 348 -12.78 23.07 7.01
C VAL B 348 -13.42 24.34 7.65
N ARG B 349 -14.73 24.47 7.54
CA ARG B 349 -15.44 25.55 8.22
C ARG B 349 -16.33 24.98 9.33
N ALA B 350 -17.04 23.88 9.01
CA ALA B 350 -18.00 23.18 9.90
C ALA B 350 -17.38 22.48 11.13
N SER B 351 -16.12 22.04 11.02
CA SER B 351 -15.41 21.40 12.14
C SER B 351 -14.62 22.46 12.94
N TRP B 355 -16.23 20.74 16.07
CA TRP B 355 -16.02 19.53 16.90
C TRP B 355 -14.56 19.18 17.18
N TYR B 356 -13.63 19.73 16.40
CA TYR B 356 -12.20 19.63 16.69
C TYR B 356 -11.97 20.15 18.10
N ALA B 357 -12.66 21.25 18.43
CA ALA B 357 -12.49 21.97 19.70
C ALA B 357 -12.87 21.16 20.94
N ASP B 358 -13.59 20.05 20.73
CA ASP B 358 -13.93 19.14 21.82
C ASP B 358 -12.83 18.13 22.10
N LEU B 359 -11.83 18.06 21.24
CA LEU B 359 -10.85 16.99 21.34
C LEU B 359 -9.48 17.49 21.74
N VAL B 360 -9.11 18.65 21.23
CA VAL B 360 -7.77 19.20 21.46
C VAL B 360 -7.83 20.59 22.09
N ASP B 361 -6.72 21.00 22.71
CA ASP B 361 -6.65 22.30 23.40
C ASP B 361 -6.46 23.52 22.49
N HIS B 362 -5.76 23.37 21.37
CA HIS B 362 -5.53 24.51 20.47
C HIS B 362 -5.76 24.20 19.01
N LEU B 363 -6.37 25.15 18.30
CA LEU B 363 -6.52 25.05 16.86
C LEU B 363 -5.77 26.22 16.24
N PRO B 364 -5.53 26.19 14.92
CA PRO B 364 -4.79 27.34 14.40
C PRO B 364 -5.68 28.59 14.31
N VAL B 365 -5.07 29.75 14.51
CA VAL B 365 -5.72 31.04 14.38
C VAL B 365 -5.90 31.44 12.89
N ILE B 366 -7.14 31.42 12.40
CA ILE B 366 -7.48 31.86 11.04
C ILE B 366 -8.12 33.27 11.04
N GLN B 367 -7.52 34.22 10.33
CA GLN B 367 -8.02 35.59 10.26
C GLN B 367 -8.22 36.02 8.84
N GLU B 368 -9.47 36.25 8.46
CA GLU B 368 -9.80 36.75 7.12
C GLU B 368 -9.13 35.86 6.07
N GLY B 369 -9.41 34.56 6.17
CA GLY B 369 -8.93 33.58 5.20
C GLY B 369 -7.43 33.42 5.18
N ILE B 370 -6.80 33.61 6.34
CA ILE B 370 -5.36 33.53 6.45
C ILE B 370 -5.00 32.88 7.77
N ALA B 371 -4.34 31.72 7.70
CA ALA B 371 -3.89 31.04 8.91
C ALA B 371 -2.56 31.65 9.30
N LEU B 372 -2.38 31.95 10.58
CA LEU B 372 -1.13 32.54 11.06
C LEU B 372 -0.21 31.46 11.61
N ALA B 373 1.08 31.78 11.68
CA ALA B 373 2.08 30.86 12.19
C ALA B 373 1.90 30.62 13.68
N PRO B 374 1.74 29.35 14.09
CA PRO B 374 1.76 29.00 15.51
C PRO B 374 3.04 29.47 16.20
N THR B 375 2.94 29.78 17.50
CA THR B 375 4.13 30.13 18.27
C THR B 375 4.41 29.17 19.44
N ARG B 376 3.43 28.35 19.79
CA ARG B 376 3.64 27.35 20.83
C ARG B 376 4.68 26.30 20.40
N PRO B 377 5.43 25.73 21.37
CA PRO B 377 6.39 24.70 20.97
C PRO B 377 5.72 23.43 20.46
N GLY B 378 6.37 22.74 19.53
CA GLY B 378 5.94 21.42 19.10
C GLY B 378 4.81 21.54 18.12
N LEU B 379 3.98 20.51 18.06
CA LEU B 379 2.82 20.55 17.17
C LEU B 379 1.94 21.76 17.52
N GLY B 380 1.84 22.10 18.80
CA GLY B 380 1.03 23.25 19.24
C GLY B 380 -0.40 22.85 19.56
N THR B 381 -0.63 21.54 19.68
CA THR B 381 -1.92 21.05 20.08
C THR B 381 -1.76 19.69 20.72
N ALA B 382 -2.64 19.40 21.67
CA ALA B 382 -2.59 18.18 22.47
C ALA B 382 -4.03 17.74 22.73
N LEU B 383 -4.25 16.45 22.87
CA LEU B 383 -5.56 15.98 23.30
C LEU B 383 -5.92 16.54 24.67
N LEU B 384 -7.20 16.83 24.84
CA LEU B 384 -7.74 17.27 26.11
C LEU B 384 -7.77 16.07 27.05
N PRO B 385 -7.55 16.31 28.36
CA PRO B 385 -7.44 15.20 29.35
C PRO B 385 -8.64 14.24 29.38
N HIS B 386 -9.83 14.72 29.06
CA HIS B 386 -11.04 13.91 29.15
C HIS B 386 -11.22 12.85 28.03
N VAL B 387 -10.50 13.04 26.92
CA VAL B 387 -10.73 12.24 25.69
C VAL B 387 -10.68 10.70 25.92
N ARG B 388 -9.78 10.24 26.79
CA ARG B 388 -9.68 8.82 27.17
C ARG B 388 -10.89 8.29 27.92
N LYS B 389 -11.65 9.20 28.55
CA LYS B 389 -12.80 8.80 29.37
C LYS B 389 -14.13 8.98 28.65
N ILE B 390 -14.08 9.35 27.36
CA ILE B 390 -15.27 9.43 26.54
C ILE B 390 -15.93 8.04 26.43
N ALA B 391 -17.26 8.01 26.41
CA ALA B 391 -18.04 6.77 26.32
C ALA B 391 -17.57 5.89 25.17
N GLY B 392 -17.15 4.68 25.50
CA GLY B 392 -16.84 3.66 24.49
C GLY B 392 -15.56 3.91 23.71
N ALA B 393 -14.70 4.78 24.23
CA ALA B 393 -13.38 5.03 23.64
C ALA B 393 -12.57 3.74 23.68
N VAL B 394 -11.93 3.40 22.55
CA VAL B 394 -11.03 2.26 22.53
C VAL B 394 -9.59 2.76 22.64
N VAL B 395 -8.97 2.40 23.77
CA VAL B 395 -7.67 2.92 24.16
C VAL B 395 -6.78 1.72 24.34
N ARG B 396 -5.70 1.66 23.56
CA ARG B 396 -4.75 0.56 23.62
C ARG B 396 -3.35 1.06 23.81
N GLU B 397 -2.55 0.33 24.58
CA GLU B 397 -1.21 0.77 24.94
C GLU B 397 -0.15 -0.32 24.83
N SER B 398 1.05 0.09 24.43
CA SER B 398 2.18 -0.83 24.34
C SER B 398 3.31 -0.15 25.08
N GLY B 399 4.21 -0.96 25.64
CA GLY B 399 5.36 -0.42 26.38
C GLY B 399 4.96 -0.16 27.82
N LYS B 400 5.58 0.86 28.42
CA LYS B 400 5.28 1.20 29.82
C LYS B 400 4.78 2.65 30.00
N PRO B 401 3.45 2.86 29.87
CA PRO B 401 2.83 4.18 30.09
C PRO B 401 3.14 4.79 31.47
N ARG B 402 3.18 6.12 31.52
CA ARG B 402 3.66 6.90 32.66
C ARG B 402 2.86 6.63 33.93
S SO4 C . -24.27 -7.72 -6.87
O1 SO4 C . -25.32 -8.07 -7.83
O2 SO4 C . -24.42 -6.34 -6.42
O3 SO4 C . -24.39 -8.61 -5.73
O4 SO4 C . -22.95 -7.88 -7.46
S SO4 D . 4.57 -9.42 10.91
O1 SO4 D . 4.88 -8.46 9.84
O2 SO4 D . 4.17 -8.71 12.13
O3 SO4 D . 3.51 -10.31 10.48
O4 SO4 D . 5.77 -10.20 11.24
S SO4 E . 18.42 4.21 18.63
O1 SO4 E . 17.45 4.99 17.83
O2 SO4 E . 17.89 3.87 19.95
O3 SO4 E . 18.72 2.97 17.92
O4 SO4 E . 19.60 5.04 18.86
S SO4 F . -13.52 3.41 6.90
O1 SO4 F . -13.73 4.41 5.87
O2 SO4 F . -14.43 3.59 8.04
O3 SO4 F . -13.73 2.09 6.31
O4 SO4 F . -12.15 3.52 7.39
#